data_6UUM
#
_entry.id   6UUM
#
_cell.length_a   104.151
_cell.length_b   66.197
_cell.length_c   108.856
_cell.angle_alpha   90.000
_cell.angle_beta   117.959
_cell.angle_gamma   90.000
#
_symmetry.space_group_name_H-M   'P 1 21 1'
#
loop_
_entity.id
_entity.type
_entity.pdbx_description
1 polymer 'B11 Fab Light Chain'
2 polymer 'B11 DSS Fab Heavy Chain'
3 non-polymer 'TETRAETHYLENE GLYCOL'
4 non-polymer 2-acetamido-2-deoxy-beta-D-glucopyranose
5 non-polymer 'SULFATE ION'
6 non-polymer 'ACETATE ION'
7 water water
#
loop_
_entity_poly.entity_id
_entity_poly.type
_entity_poly.pdbx_seq_one_letter_code
_entity_poly.pdbx_strand_id
1 'polypeptide(L)'
;EIVLTQSPVTLSLSSGETGTLSCRASQNISSSWIAWYQQRRGQVPRLLISAASARAAGIPDRFTGRGSGTDFTLTITRLE
PEDFGVYSCQYYGGSFFTFGPGTQVDVKRTVAAPSVFIFPPSDEQLKSGTASVVCLLNNFYPREAKVQWKVDNALQSGNS
QESVTEQDSKDSTYSLSSTLTLSKADYEKHKVYACEVTHQGLSSPVTKSFNRGEC
;
F,A
2 'polypeptide(L)'
;QVQLVQSGAEVRKPGSSVTISCKPVGGTFTNFAIHWVRQAPGQGLEWVGGRVPVVGIYKYGKKFHDRLRLYEDDPMKTVF
LELRSLTSDDTGVYYCTRWRGAGMAPYDTSSYYNDASDVWGPGTKVIVSAASTKGPSVFPLAPSSKSTSGGTAALGCLVK
DYFPEPVTVSWNSGALTSGVHTFPAVLQSSGLYSLSSVVTVPSSSLGTQTYICNVNHKPSNTKVDKKVEPKSCDK
;
H,B
#
loop_
_chem_comp.id
_chem_comp.type
_chem_comp.name
_chem_comp.formula
ACT non-polymer 'ACETATE ION' 'C2 H3 O2 -1'
NAG D-saccharide, beta linking 2-acetamido-2-deoxy-beta-D-glucopyranose 'C8 H15 N O6'
PG4 non-polymer 'TETRAETHYLENE GLYCOL' 'C8 H18 O5'
SO4 non-polymer 'SULFATE ION' 'O4 S -2'
#
# COMPACT_ATOMS: atom_id res chain seq x y z
N GLU A 1 -13.43 17.35 -27.67
CA GLU A 1 -13.21 17.20 -26.23
C GLU A 1 -13.94 18.31 -25.45
N ILE A 2 -14.59 17.93 -24.36
CA ILE A 2 -15.27 18.88 -23.48
C ILE A 2 -14.30 19.27 -22.38
N VAL A 3 -14.03 20.56 -22.25
CA VAL A 3 -13.15 21.10 -21.21
C VAL A 3 -13.97 21.99 -20.30
N LEU A 4 -13.71 21.90 -19.00
CA LEU A 4 -14.39 22.70 -17.99
C LEU A 4 -13.43 23.71 -17.41
N THR A 5 -13.89 24.96 -17.29
CA THR A 5 -13.14 26.02 -16.64
C THR A 5 -13.92 26.49 -15.41
N GLN A 6 -13.18 27.01 -14.43
CA GLN A 6 -13.79 27.45 -13.18
C GLN A 6 -13.33 28.85 -12.82
N SER A 7 -14.20 29.57 -12.11
CA SER A 7 -13.96 30.95 -11.72
C SER A 7 -14.65 31.19 -10.39
N PRO A 8 -14.00 31.92 -9.46
CA PRO A 8 -12.65 32.46 -9.62
C PRO A 8 -11.58 31.43 -9.23
N VAL A 9 -10.32 31.87 -9.24
CA VAL A 9 -9.25 31.01 -8.76
C VAL A 9 -9.32 30.86 -7.25
N THR A 10 -9.44 31.99 -6.54
CA THR A 10 -9.57 31.99 -5.09
C THR A 10 -10.71 32.91 -4.70
N LEU A 11 -11.72 32.35 -4.02
CA LEU A 11 -12.87 33.10 -3.57
C LEU A 11 -12.77 33.31 -2.06
N SER A 12 -12.70 34.57 -1.64
CA SER A 12 -12.53 34.91 -0.24
C SER A 12 -13.90 35.12 0.42
N LEU A 13 -14.11 34.44 1.54
CA LEU A 13 -15.36 34.56 2.29
C LEU A 13 -15.07 34.47 3.78
N SER A 14 -15.97 35.06 4.57
CA SER A 14 -15.96 34.95 6.02
C SER A 14 -17.09 34.04 6.48
N SER A 15 -17.03 33.65 7.75
CA SER A 15 -18.08 32.81 8.30
C SER A 15 -19.42 33.53 8.27
N GLY A 16 -20.43 32.88 7.71
CA GLY A 16 -21.75 33.46 7.56
C GLY A 16 -22.01 34.14 6.24
N GLU A 17 -20.98 34.33 5.41
CA GLU A 17 -21.13 35.01 4.13
C GLU A 17 -21.54 34.01 3.05
N THR A 18 -22.14 34.53 2.00
CA THR A 18 -22.60 33.74 0.85
C THR A 18 -21.71 34.03 -0.35
N GLY A 19 -21.37 32.96 -1.08
CA GLY A 19 -20.57 33.10 -2.29
C GLY A 19 -20.96 32.06 -3.32
N THR A 20 -20.68 32.39 -4.58
CA THR A 20 -21.04 31.53 -5.71
C THR A 20 -19.79 31.19 -6.51
N LEU A 21 -19.63 29.92 -6.84
CA LEU A 21 -18.54 29.43 -7.66
C LEU A 21 -19.08 29.10 -9.06
N SER A 22 -18.27 29.36 -10.08
CA SER A 22 -18.71 29.22 -11.46
C SER A 22 -17.93 28.12 -12.16
N CYS A 23 -18.66 27.33 -12.96
CA CYS A 23 -18.09 26.27 -13.79
C CYS A 23 -18.65 26.43 -15.19
N ARG A 24 -17.78 26.65 -16.18
CA ARG A 24 -18.19 26.87 -17.56
C ARG A 24 -17.72 25.71 -18.42
N ALA A 25 -18.64 25.14 -19.19
CA ALA A 25 -18.31 24.08 -20.13
C ALA A 25 -17.97 24.66 -21.49
N SER A 26 -17.18 23.92 -22.27
CA SER A 26 -16.81 24.38 -23.59
C SER A 26 -17.95 24.24 -24.58
N GLN A 27 -18.83 23.27 -24.38
CA GLN A 27 -19.97 23.03 -25.24
C GLN A 27 -21.25 23.05 -24.41
N ASN A 28 -22.38 22.99 -25.11
CA ASN A 28 -23.67 22.84 -24.45
C ASN A 28 -23.85 21.39 -24.02
N ILE A 29 -24.12 21.18 -22.73
CA ILE A 29 -24.22 19.84 -22.16
C ILE A 29 -25.49 19.75 -21.33
N SER A 30 -25.89 18.52 -21.08
CA SER A 30 -27.08 18.22 -20.24
C SER A 30 -26.70 18.42 -18.78
N SER A 31 -27.58 19.06 -18.01
CA SER A 31 -27.31 19.26 -16.61
C SER A 31 -27.22 17.97 -15.81
N SER A 32 -27.64 16.85 -16.41
CA SER A 32 -27.60 15.56 -15.70
C SER A 32 -26.18 15.00 -15.56
N TRP A 33 -25.18 15.62 -16.18
CA TRP A 33 -23.83 15.08 -16.19
C TRP A 33 -22.81 16.01 -15.52
N ILE A 34 -23.26 16.89 -14.63
CA ILE A 34 -22.39 17.81 -13.92
C ILE A 34 -22.40 17.46 -12.43
N ALA A 35 -21.21 17.37 -11.83
CA ALA A 35 -21.08 17.12 -10.41
C ALA A 35 -20.10 18.11 -9.79
N TRP A 36 -20.21 18.28 -8.48
CA TRP A 36 -19.34 19.15 -7.71
C TRP A 36 -18.71 18.36 -6.56
N TYR A 37 -17.40 18.54 -6.36
CA TYR A 37 -16.65 17.84 -5.35
C TYR A 37 -15.98 18.82 -4.39
N GLN A 38 -15.76 18.37 -3.17
CA GLN A 38 -15.15 19.19 -2.12
C GLN A 38 -13.87 18.52 -1.66
N GLN A 39 -12.79 19.30 -1.55
CA GLN A 39 -11.51 18.82 -1.05
C GLN A 39 -11.09 19.68 0.12
N ARG A 40 -11.02 19.09 1.31
CA ARG A 40 -10.54 19.78 2.49
C ARG A 40 -9.03 19.57 2.65
N ARG A 41 -8.47 20.20 3.68
CA ARG A 41 -7.02 20.25 3.91
C ARG A 41 -6.32 18.92 3.65
N GLY A 42 -6.70 17.87 4.38
CA GLY A 42 -6.03 16.60 4.24
C GLY A 42 -6.93 15.39 4.22
N GLN A 43 -7.69 15.21 3.15
CA GLN A 43 -8.53 14.03 2.99
C GLN A 43 -8.95 13.93 1.53
N VAL A 44 -9.65 12.85 1.21
CA VAL A 44 -10.02 12.52 -0.16
C VAL A 44 -11.13 13.47 -0.62
N PRO A 45 -11.29 13.67 -1.93
CA PRO A 45 -12.44 14.46 -2.40
C PRO A 45 -13.75 13.82 -1.99
N ARG A 46 -14.77 14.67 -1.85
CA ARG A 46 -16.10 14.24 -1.42
C ARG A 46 -17.13 14.77 -2.41
N LEU A 47 -18.03 13.89 -2.86
CA LEU A 47 -19.11 14.31 -3.74
C LEU A 47 -20.11 15.16 -2.96
N LEU A 48 -20.36 16.37 -3.46
CA LEU A 48 -21.38 17.24 -2.88
C LEU A 48 -22.69 17.21 -3.65
N ILE A 49 -22.62 17.27 -4.98
CA ILE A 49 -23.79 17.42 -5.84
C ILE A 49 -23.55 16.65 -7.12
N SER A 50 -24.58 15.96 -7.60
CA SER A 50 -24.57 15.32 -8.91
C SER A 50 -25.79 15.79 -9.69
N ALA A 51 -25.75 15.57 -11.00
CA ALA A 51 -26.80 16.02 -11.91
C ALA A 51 -27.08 17.50 -11.73
N ALA A 52 -26.02 18.28 -11.53
CA ALA A 52 -26.04 19.74 -11.42
C ALA A 52 -26.69 20.25 -10.14
N SER A 53 -27.77 19.61 -9.68
CA SER A 53 -28.53 20.14 -8.56
C SER A 53 -28.93 19.12 -7.49
N ALA A 54 -28.70 17.82 -7.73
CA ALA A 54 -29.09 16.80 -6.75
C ALA A 54 -28.03 16.70 -5.67
N ARG A 55 -28.37 17.11 -4.46
CA ARG A 55 -27.42 17.09 -3.36
C ARG A 55 -27.18 15.65 -2.89
N ALA A 56 -25.92 15.31 -2.66
CA ALA A 56 -25.58 13.95 -2.26
C ALA A 56 -26.01 13.68 -0.82
N ALA A 57 -26.09 12.39 -0.49
CA ALA A 57 -26.56 11.97 0.83
C ALA A 57 -25.63 12.48 1.92
N GLY A 58 -26.22 13.11 2.93
CA GLY A 58 -25.46 13.64 4.04
C GLY A 58 -24.80 14.99 3.81
N ILE A 59 -24.92 15.55 2.62
CA ILE A 59 -24.34 16.86 2.33
C ILE A 59 -25.24 17.94 2.91
N PRO A 60 -24.70 18.85 3.71
CA PRO A 60 -25.55 19.84 4.40
C PRO A 60 -26.28 20.74 3.40
N ASP A 61 -27.25 21.47 3.95
CA ASP A 61 -28.14 22.30 3.16
C ASP A 61 -27.45 23.52 2.55
N ARG A 62 -26.29 23.92 3.08
CA ARG A 62 -25.64 25.14 2.64
C ARG A 62 -25.20 25.10 1.18
N PHE A 63 -25.04 23.91 0.60
CA PHE A 63 -24.54 23.76 -0.75
C PHE A 63 -25.70 23.58 -1.72
N THR A 64 -25.79 24.45 -2.71
CA THR A 64 -26.82 24.36 -3.75
C THR A 64 -26.18 24.53 -5.11
N GLY A 65 -26.41 23.57 -5.99
CA GLY A 65 -25.89 23.59 -7.35
C GLY A 65 -27.00 23.95 -8.33
N ARG A 66 -26.67 24.85 -9.25
CA ARG A 66 -27.60 25.31 -10.28
C ARG A 66 -26.88 25.32 -11.63
N GLY A 67 -27.66 25.50 -12.69
CA GLY A 67 -27.08 25.69 -14.01
C GLY A 67 -27.60 24.79 -15.10
N SER A 68 -27.44 25.22 -16.34
CA SER A 68 -27.81 24.42 -17.51
C SER A 68 -27.03 24.95 -18.70
N GLY A 69 -26.97 24.14 -19.76
CA GLY A 69 -26.27 24.54 -20.96
C GLY A 69 -24.76 24.55 -20.80
N THR A 70 -24.18 25.72 -20.54
CA THR A 70 -22.75 25.85 -20.33
C THR A 70 -22.36 26.46 -18.99
N ASP A 71 -23.25 27.21 -18.35
CA ASP A 71 -22.95 27.89 -17.10
C ASP A 71 -23.53 27.10 -15.93
N PHE A 72 -22.68 26.66 -15.03
CA PHE A 72 -23.09 25.90 -13.85
C PHE A 72 -22.44 26.51 -12.62
N THR A 73 -23.23 26.66 -11.55
CA THR A 73 -22.77 27.36 -10.35
C THR A 73 -22.93 26.47 -9.13
N LEU A 74 -22.09 26.73 -8.13
CA LEU A 74 -22.21 26.15 -6.80
C LEU A 74 -22.23 27.29 -5.80
N THR A 75 -23.28 27.33 -4.97
CA THR A 75 -23.47 28.40 -4.00
C THR A 75 -23.30 27.86 -2.59
N ILE A 76 -22.60 28.63 -1.76
CA ILE A 76 -22.45 28.35 -0.33
C ILE A 76 -23.04 29.52 0.42
N THR A 77 -24.17 29.28 1.12
CA THR A 77 -24.96 30.39 1.65
C THR A 77 -24.40 30.91 2.98
N ARG A 78 -24.38 30.07 4.00
CA ARG A 78 -23.91 30.47 5.34
C ARG A 78 -22.79 29.55 5.75
N LEU A 79 -21.62 29.70 5.11
CA LEU A 79 -20.56 28.72 5.28
C LEU A 79 -20.04 28.71 6.71
N GLU A 80 -19.68 27.53 7.16
CA GLU A 80 -19.02 27.23 8.43
C GLU A 80 -17.53 27.06 8.17
N PRO A 81 -16.70 27.13 9.22
CA PRO A 81 -15.24 26.98 9.00
C PRO A 81 -14.84 25.67 8.35
N GLU A 82 -15.69 24.64 8.38
CA GLU A 82 -15.34 23.38 7.74
C GLU A 82 -15.55 23.40 6.22
N ASP A 83 -16.12 24.47 5.68
CA ASP A 83 -16.36 24.55 4.23
C ASP A 83 -15.19 25.13 3.45
N PHE A 84 -14.16 25.64 4.14
CA PHE A 84 -12.99 26.15 3.44
C PHE A 84 -12.21 25.02 2.80
N GLY A 85 -11.90 25.16 1.52
CA GLY A 85 -11.23 24.10 0.79
C GLY A 85 -11.23 24.40 -0.70
N VAL A 86 -11.12 23.34 -1.49
CA VAL A 86 -11.07 23.44 -2.95
C VAL A 86 -12.26 22.68 -3.52
N TYR A 87 -13.00 23.33 -4.41
CA TYR A 87 -14.18 22.76 -5.04
C TYR A 87 -13.92 22.61 -6.54
N SER A 88 -14.22 21.42 -7.07
CA SER A 88 -14.00 21.12 -8.48
C SER A 88 -15.29 20.61 -9.09
N CYS A 89 -15.60 21.11 -10.29
CA CYS A 89 -16.72 20.57 -11.04
C CYS A 89 -16.24 19.45 -11.95
N GLN A 90 -17.18 18.58 -12.33
CA GLN A 90 -16.88 17.40 -13.13
C GLN A 90 -17.96 17.18 -14.16
N TYR A 91 -17.55 16.77 -15.36
CA TYR A 91 -18.48 16.32 -16.39
C TYR A 91 -18.30 14.82 -16.57
N TYR A 92 -19.34 14.05 -16.27
CA TYR A 92 -19.29 12.60 -16.38
C TYR A 92 -20.25 12.08 -17.45
N GLY A 93 -20.45 12.87 -18.52
CA GLY A 93 -21.20 12.41 -19.67
C GLY A 93 -20.28 11.86 -20.75
N GLY A 94 -20.87 11.09 -21.65
CA GLY A 94 -20.08 10.51 -22.72
C GLY A 94 -19.09 9.47 -22.21
N SER A 95 -18.07 9.21 -23.02
CA SER A 95 -17.05 8.22 -22.71
C SER A 95 -15.89 8.77 -21.91
N PHE A 96 -15.63 10.08 -21.98
CA PHE A 96 -14.48 10.68 -21.33
C PHE A 96 -14.96 11.67 -20.28
N PHE A 97 -14.48 11.48 -19.05
CA PHE A 97 -14.81 12.41 -17.97
C PHE A 97 -13.74 13.49 -17.89
N THR A 98 -14.07 14.61 -17.25
CA THR A 98 -13.12 15.70 -17.07
C THR A 98 -13.50 16.49 -15.82
N PHE A 99 -12.49 17.10 -15.20
CA PHE A 99 -12.66 17.97 -14.04
C PHE A 99 -12.20 19.38 -14.37
N GLY A 100 -12.83 20.36 -13.73
CA GLY A 100 -12.36 21.71 -13.78
C GLY A 100 -11.06 21.87 -13.01
N PRO A 101 -10.40 23.03 -13.17
CA PRO A 101 -9.13 23.24 -12.45
C PRO A 101 -9.29 23.41 -10.95
N GLY A 102 -10.49 23.67 -10.47
CA GLY A 102 -10.71 23.81 -9.04
C GLY A 102 -10.75 25.26 -8.61
N THR A 103 -11.48 25.52 -7.53
CA THR A 103 -11.59 26.85 -6.94
C THR A 103 -11.39 26.74 -5.44
N GLN A 104 -10.43 27.48 -4.91
CA GLN A 104 -10.15 27.49 -3.48
C GLN A 104 -10.96 28.59 -2.81
N VAL A 105 -11.70 28.23 -1.76
CA VAL A 105 -12.37 29.19 -0.91
C VAL A 105 -11.53 29.35 0.36
N ASP A 106 -11.04 30.55 0.62
CA ASP A 106 -10.19 30.82 1.77
C ASP A 106 -10.81 31.88 2.65
N VAL A 107 -10.27 32.02 3.86
CA VAL A 107 -10.81 32.94 4.84
C VAL A 107 -10.57 34.37 4.38
N LYS A 108 -11.64 35.16 4.33
CA LYS A 108 -11.53 36.55 3.91
C LYS A 108 -10.74 37.35 4.93
N ARG A 109 -10.08 38.41 4.43
CA ARG A 109 -9.18 39.20 5.26
C ARG A 109 -8.94 40.53 4.56
N THR A 110 -8.55 41.53 5.34
CA THR A 110 -8.10 42.78 4.76
C THR A 110 -6.80 42.57 4.00
N VAL A 111 -6.58 43.42 2.98
CA VAL A 111 -5.41 43.25 2.13
C VAL A 111 -4.14 43.49 2.93
N ALA A 112 -3.12 42.68 2.66
CA ALA A 112 -1.84 42.77 3.36
C ALA A 112 -0.72 42.58 2.36
N ALA A 113 0.06 43.63 2.14
CA ALA A 113 1.16 43.55 1.20
C ALA A 113 2.25 42.61 1.73
N PRO A 114 2.95 41.91 0.83
CA PRO A 114 4.02 41.01 1.28
C PRO A 114 5.28 41.77 1.67
N SER A 115 5.95 41.26 2.70
CA SER A 115 7.32 41.64 2.99
C SER A 115 8.24 40.74 2.16
N VAL A 116 9.07 41.35 1.31
CA VAL A 116 9.89 40.60 0.36
C VAL A 116 11.33 40.58 0.85
N PHE A 117 11.88 39.38 0.96
CA PHE A 117 13.27 39.18 1.32
C PHE A 117 13.93 38.27 0.30
N ILE A 118 15.23 38.48 0.06
CA ILE A 118 16.00 37.66 -0.86
C ILE A 118 17.25 37.16 -0.13
N PHE A 119 17.66 35.94 -0.45
CA PHE A 119 18.82 35.31 0.16
C PHE A 119 19.77 34.84 -0.92
N PRO A 120 21.06 35.17 -0.83
CA PRO A 120 22.03 34.62 -1.78
C PRO A 120 22.33 33.17 -1.45
N PRO A 121 22.96 32.44 -2.36
CA PRO A 121 23.42 31.09 -2.01
C PRO A 121 24.60 31.16 -1.05
N SER A 122 24.67 30.17 -0.16
CA SER A 122 25.79 30.09 0.76
C SER A 122 27.04 29.63 0.05
N ASP A 123 28.20 30.06 0.57
CA ASP A 123 29.46 29.61 0.01
C ASP A 123 29.62 28.10 0.15
N GLU A 124 29.01 27.52 1.18
CA GLU A 124 29.04 26.07 1.35
C GLU A 124 28.38 25.37 0.17
N GLN A 125 27.21 25.84 -0.25
CA GLN A 125 26.53 25.20 -1.36
C GLN A 125 27.29 25.40 -2.66
N LEU A 126 27.87 26.59 -2.87
CA LEU A 126 28.61 26.86 -4.10
C LEU A 126 29.75 25.85 -4.31
N LYS A 127 30.35 25.37 -3.21
CA LYS A 127 31.39 24.35 -3.34
C LYS A 127 30.86 23.07 -3.96
N SER A 128 29.58 22.75 -3.74
CA SER A 128 28.97 21.54 -4.28
C SER A 128 28.66 21.64 -5.77
N GLY A 129 28.83 22.80 -6.38
CA GLY A 129 28.56 22.97 -7.79
C GLY A 129 27.18 23.47 -8.14
N THR A 130 26.38 23.84 -7.15
CA THR A 130 25.03 24.34 -7.38
C THR A 130 24.82 25.63 -6.61
N ALA A 131 23.82 26.40 -7.03
CA ALA A 131 23.48 27.65 -6.37
C ALA A 131 21.96 27.79 -6.30
N SER A 132 21.46 28.09 -5.10
CA SER A 132 20.03 28.30 -4.87
C SER A 132 19.83 29.72 -4.37
N VAL A 133 19.03 30.50 -5.09
CA VAL A 133 18.66 31.85 -4.69
C VAL A 133 17.19 31.81 -4.28
N VAL A 134 16.90 32.30 -3.07
CA VAL A 134 15.57 32.19 -2.48
C VAL A 134 14.98 33.58 -2.33
N CYS A 135 13.73 33.74 -2.77
CA CYS A 135 12.96 34.95 -2.58
C CYS A 135 11.80 34.62 -1.65
N LEU A 136 11.68 35.38 -0.56
CA LEU A 136 10.66 35.13 0.45
C LEU A 136 9.61 36.24 0.43
N LEU A 137 8.34 35.85 0.32
CA LEU A 137 7.20 36.74 0.46
C LEU A 137 6.45 36.31 1.71
N ASN A 138 6.48 37.16 2.74
CA ASN A 138 6.02 36.77 4.07
C ASN A 138 4.72 37.49 4.42
N ASN A 139 3.74 36.71 4.88
CA ASN A 139 2.51 37.22 5.51
C ASN A 139 1.80 38.23 4.60
N PHE A 140 1.26 37.72 3.50
CA PHE A 140 0.51 38.54 2.56
C PHE A 140 -0.89 37.99 2.35
N TYR A 141 -1.76 38.84 1.81
CA TYR A 141 -3.13 38.49 1.46
C TYR A 141 -3.61 39.52 0.46
N PRO A 142 -4.34 39.11 -0.59
CA PRO A 142 -4.81 37.76 -0.91
C PRO A 142 -3.75 36.83 -1.49
N ARG A 143 -4.18 35.64 -1.91
CA ARG A 143 -3.28 34.58 -2.31
C ARG A 143 -2.52 34.92 -3.60
N GLU A 144 -3.19 35.60 -4.54
CA GLU A 144 -2.59 35.85 -5.85
C GLU A 144 -1.31 36.67 -5.70
N ALA A 145 -0.20 36.11 -6.17
CA ALA A 145 1.10 36.77 -6.10
C ALA A 145 1.92 36.32 -7.30
N LYS A 146 2.62 37.28 -7.90
CA LYS A 146 3.47 37.03 -9.06
C LYS A 146 4.92 37.32 -8.68
N VAL A 147 5.79 36.33 -8.90
CA VAL A 147 7.21 36.46 -8.61
C VAL A 147 7.98 36.16 -9.90
N GLN A 148 8.85 37.08 -10.30
CA GLN A 148 9.66 36.91 -11.50
C GLN A 148 11.13 37.10 -11.15
N TRP A 149 11.97 36.18 -11.62
CA TRP A 149 13.41 36.26 -11.40
C TRP A 149 14.08 36.92 -12.60
N LYS A 150 15.01 37.83 -12.31
CA LYS A 150 15.79 38.51 -13.34
C LYS A 150 17.27 38.40 -12.99
N VAL A 151 18.04 37.81 -13.89
CA VAL A 151 19.48 37.65 -13.72
C VAL A 151 20.17 38.50 -14.78
N ASP A 152 20.75 39.62 -14.35
CA ASP A 152 21.29 40.64 -15.25
C ASP A 152 20.23 41.06 -16.28
N ASN A 153 19.05 41.41 -15.76
CA ASN A 153 17.91 41.87 -16.53
C ASN A 153 17.42 40.83 -17.54
N ALA A 154 17.71 39.56 -17.31
CA ALA A 154 17.22 38.48 -18.14
C ALA A 154 16.15 37.71 -17.38
N LEU A 155 14.95 37.67 -17.93
CA LEU A 155 13.84 36.97 -17.28
C LEU A 155 14.11 35.47 -17.26
N GLN A 156 13.94 34.87 -16.09
CA GLN A 156 14.18 33.44 -15.92
C GLN A 156 12.87 32.68 -16.09
N SER A 157 12.91 31.60 -16.87
CA SER A 157 11.73 30.78 -17.10
C SER A 157 12.14 29.32 -17.04
N GLY A 158 11.53 28.57 -16.13
CA GLY A 158 11.75 27.15 -16.04
C GLY A 158 12.83 26.69 -15.08
N ASN A 159 13.52 27.61 -14.41
CA ASN A 159 14.56 27.23 -13.45
C ASN A 159 14.26 27.74 -12.05
N SER A 160 12.98 27.91 -11.74
CA SER A 160 12.56 28.32 -10.39
C SER A 160 11.33 27.52 -9.98
N GLN A 161 11.24 27.21 -8.69
CA GLN A 161 10.07 26.57 -8.11
C GLN A 161 9.60 27.40 -6.92
N GLU A 162 8.29 27.44 -6.72
CA GLU A 162 7.73 28.18 -5.60
C GLU A 162 6.82 27.28 -4.77
N SER A 163 6.84 27.52 -3.46
CA SER A 163 6.00 26.79 -2.52
C SER A 163 5.32 27.78 -1.60
N VAL A 164 4.06 27.49 -1.25
CA VAL A 164 3.23 28.39 -0.46
C VAL A 164 2.77 27.65 0.78
N THR A 165 2.67 28.37 1.90
CA THR A 165 2.10 27.79 3.10
C THR A 165 0.58 27.81 3.02
N GLU A 166 -0.04 26.96 3.84
CA GLU A 166 -1.48 27.05 4.00
C GLU A 166 -1.83 28.35 4.72
N GLN A 167 -3.06 28.80 4.52
CA GLN A 167 -3.51 30.04 5.14
C GLN A 167 -3.38 29.93 6.65
N ASP A 168 -2.78 30.95 7.26
CA ASP A 168 -2.48 30.90 8.68
C ASP A 168 -3.75 30.92 9.51
N SER A 169 -3.75 30.16 10.61
CA SER A 169 -4.95 30.05 11.44
C SER A 169 -5.20 31.33 12.23
N LYS A 170 -4.15 32.11 12.50
CA LYS A 170 -4.29 33.31 13.33
C LYS A 170 -4.63 34.54 12.49
N ASP A 171 -3.73 34.94 11.59
CA ASP A 171 -3.91 36.17 10.83
C ASP A 171 -4.37 35.94 9.39
N SER A 172 -4.62 34.68 8.99
CA SER A 172 -5.18 34.36 7.69
C SER A 172 -4.33 34.87 6.53
N THR A 173 -3.02 34.96 6.72
CA THR A 173 -2.11 35.38 5.67
C THR A 173 -1.43 34.18 5.03
N TYR A 174 -0.77 34.43 3.91
CA TYR A 174 0.02 33.43 3.22
C TYR A 174 1.50 33.83 3.23
N SER A 175 2.37 32.84 3.11
CA SER A 175 3.78 33.07 2.90
C SER A 175 4.24 32.21 1.73
N LEU A 176 5.16 32.75 0.93
CA LEU A 176 5.58 32.11 -0.31
C LEU A 176 7.09 32.18 -0.45
N SER A 177 7.68 31.08 -0.88
CA SER A 177 9.09 31.00 -1.22
C SER A 177 9.23 30.74 -2.70
N SER A 178 10.20 31.41 -3.34
CA SER A 178 10.54 31.16 -4.73
C SER A 178 12.04 30.90 -4.79
N THR A 179 12.43 29.71 -5.22
CA THR A 179 13.82 29.28 -5.20
C THR A 179 14.32 29.17 -6.64
N LEU A 180 15.34 29.96 -6.95
CA LEU A 180 15.98 29.93 -8.27
C LEU A 180 17.20 29.03 -8.18
N THR A 181 17.23 27.98 -9.00
CA THR A 181 18.33 27.02 -9.01
C THR A 181 19.19 27.26 -10.24
N LEU A 182 20.47 27.53 -10.03
CA LEU A 182 21.46 27.70 -11.09
C LEU A 182 22.66 26.84 -10.78
N SER A 183 23.40 26.49 -11.83
CA SER A 183 24.67 25.80 -11.62
C SER A 183 25.71 26.78 -11.08
N LYS A 184 26.78 26.23 -10.51
CA LYS A 184 27.88 27.05 -10.03
C LYS A 184 28.47 27.92 -11.14
N ALA A 185 28.70 27.32 -12.31
CA ALA A 185 29.31 28.06 -13.42
C ALA A 185 28.39 29.19 -13.88
N ASP A 186 27.09 28.91 -14.04
CA ASP A 186 26.17 29.94 -14.49
C ASP A 186 26.04 31.06 -13.47
N TYR A 187 26.07 30.72 -12.17
CA TYR A 187 25.89 31.73 -11.14
C TYR A 187 27.04 32.73 -11.14
N GLU A 188 28.27 32.25 -11.37
CA GLU A 188 29.43 33.13 -11.37
C GLU A 188 29.54 33.98 -12.63
N LYS A 189 28.87 33.58 -13.71
CA LYS A 189 28.89 34.35 -14.95
C LYS A 189 28.05 35.61 -14.90
N HIS A 190 27.25 35.81 -13.85
CA HIS A 190 26.34 36.93 -13.77
C HIS A 190 26.46 37.62 -12.42
N LYS A 191 25.94 38.84 -12.35
CA LYS A 191 26.18 39.70 -11.20
C LYS A 191 24.91 40.07 -10.44
N VAL A 192 23.88 40.56 -11.14
CA VAL A 192 22.69 41.11 -10.49
C VAL A 192 21.60 40.05 -10.48
N TYR A 193 21.12 39.71 -9.28
CA TYR A 193 20.05 38.74 -9.10
C TYR A 193 18.89 39.45 -8.41
N ALA A 194 17.71 39.40 -9.03
CA ALA A 194 16.56 40.14 -8.55
C ALA A 194 15.30 39.27 -8.64
N CYS A 195 14.44 39.39 -7.64
CA CYS A 195 13.08 38.84 -7.71
C CYS A 195 12.10 40.00 -7.65
N GLU A 196 11.22 40.08 -8.64
CA GLU A 196 10.23 41.15 -8.74
C GLU A 196 8.87 40.59 -8.34
N VAL A 197 8.21 41.26 -7.40
CA VAL A 197 6.97 40.80 -6.80
C VAL A 197 5.85 41.75 -7.17
N THR A 198 4.78 41.20 -7.73
CA THR A 198 3.56 41.95 -8.02
C THR A 198 2.44 41.42 -7.14
N HIS A 199 1.74 42.34 -6.49
CA HIS A 199 0.70 41.95 -5.54
C HIS A 199 -0.27 43.11 -5.37
N GLN A 200 -1.54 42.77 -5.12
CA GLN A 200 -2.58 43.80 -4.99
C GLN A 200 -2.26 44.78 -3.87
N GLY A 201 -1.72 44.29 -2.76
CA GLY A 201 -1.34 45.15 -1.66
C GLY A 201 -0.20 46.10 -1.96
N LEU A 202 0.47 45.94 -3.10
CA LEU A 202 1.56 46.81 -3.50
C LEU A 202 1.08 47.73 -4.61
N SER A 203 1.28 49.04 -4.42
CA SER A 203 0.90 50.01 -5.46
C SER A 203 1.76 49.86 -6.69
N SER A 204 2.98 49.35 -6.54
CA SER A 204 3.93 49.15 -7.62
C SER A 204 4.73 47.90 -7.31
N PRO A 205 5.20 47.18 -8.33
CA PRO A 205 6.01 45.98 -8.08
C PRO A 205 7.27 46.30 -7.29
N VAL A 206 7.60 45.42 -6.35
CA VAL A 206 8.79 45.56 -5.51
C VAL A 206 9.88 44.65 -6.07
N THR A 207 11.08 45.20 -6.22
CA THR A 207 12.25 44.45 -6.68
C THR A 207 13.27 44.38 -5.57
N LYS A 208 13.54 43.16 -5.08
CA LYS A 208 14.64 42.91 -4.16
C LYS A 208 15.76 42.24 -4.93
N SER A 209 16.97 42.80 -4.84
CA SER A 209 18.08 42.34 -5.65
C SER A 209 19.37 42.41 -4.84
N PHE A 210 20.39 41.72 -5.34
CA PHE A 210 21.73 41.83 -4.80
C PHE A 210 22.73 41.66 -5.93
N ASN A 211 23.97 42.06 -5.66
CA ASN A 211 25.08 41.88 -6.59
C ASN A 211 25.96 40.74 -6.08
N ARG A 212 26.13 39.72 -6.92
CA ARG A 212 27.00 38.61 -6.58
C ARG A 212 28.43 39.11 -6.38
N GLY A 213 29.17 38.41 -5.53
CA GLY A 213 30.53 38.83 -5.19
C GLY A 213 30.53 39.88 -4.10
N GLU A 214 29.69 40.89 -4.21
CA GLU A 214 29.43 41.84 -3.14
C GLU A 214 28.46 41.29 -2.10
N CYS A 215 28.11 40.01 -2.21
CA CYS A 215 27.07 39.42 -1.39
C CYS A 215 27.26 37.91 -1.26
N GLN B 1 -23.29 0.26 1.06
CA GLN B 1 -22.26 0.35 2.09
C GLN B 1 -20.94 -0.21 1.58
N VAL B 2 -20.51 0.27 0.42
CA VAL B 2 -19.29 -0.20 -0.21
C VAL B 2 -18.12 0.67 0.23
N GLN B 3 -16.95 0.06 0.30
CA GLN B 3 -15.71 0.74 0.64
C GLN B 3 -14.60 0.23 -0.27
N LEU B 4 -13.69 1.13 -0.62
CA LEU B 4 -12.62 0.82 -1.57
C LEU B 4 -11.28 0.87 -0.86
N VAL B 5 -10.49 -0.19 -1.00
CA VAL B 5 -9.16 -0.30 -0.42
C VAL B 5 -8.15 -0.35 -1.55
N GLN B 6 -7.09 0.46 -1.46
CA GLN B 6 -6.07 0.56 -2.49
C GLN B 6 -4.72 0.12 -1.95
N SER B 7 -3.85 -0.31 -2.85
CA SER B 7 -2.51 -0.71 -2.46
C SER B 7 -1.71 0.50 -1.97
N GLY B 8 -0.60 0.22 -1.29
CA GLY B 8 0.17 1.25 -0.63
C GLY B 8 1.00 2.09 -1.59
N ALA B 9 1.58 3.15 -1.03
CA ALA B 9 2.36 4.09 -1.81
C ALA B 9 3.59 3.42 -2.42
N GLU B 10 4.07 3.97 -3.52
CA GLU B 10 5.21 3.42 -4.24
C GLU B 10 6.10 4.54 -4.74
N VAL B 11 7.40 4.24 -4.80
CA VAL B 11 8.38 5.05 -5.51
C VAL B 11 8.77 4.29 -6.78
N ARG B 12 8.68 4.95 -7.93
CA ARG B 12 8.93 4.30 -9.21
C ARG B 12 9.94 5.10 -10.01
N LYS B 13 10.85 4.39 -10.68
CA LYS B 13 11.84 5.03 -11.52
C LYS B 13 11.19 5.56 -12.80
N PRO B 14 11.71 6.65 -13.36
CA PRO B 14 11.25 7.09 -14.68
C PRO B 14 11.48 6.00 -15.72
N GLY B 15 10.48 5.80 -16.58
CA GLY B 15 10.52 4.75 -17.57
C GLY B 15 9.87 3.45 -17.14
N SER B 16 9.78 3.19 -15.84
CA SER B 16 9.12 1.99 -15.36
C SER B 16 7.61 2.17 -15.38
N SER B 17 6.90 1.16 -14.89
CA SER B 17 5.46 1.20 -14.77
C SER B 17 5.06 1.02 -13.30
N VAL B 18 3.80 1.37 -13.02
CA VAL B 18 3.24 1.22 -11.68
C VAL B 18 1.90 0.52 -11.80
N THR B 19 1.63 -0.42 -10.88
CA THR B 19 0.35 -1.11 -10.81
C THR B 19 -0.28 -0.84 -9.46
N ILE B 20 -1.53 -0.37 -9.47
CA ILE B 20 -2.26 -0.02 -8.26
C ILE B 20 -3.53 -0.87 -8.20
N SER B 21 -3.72 -1.58 -7.10
CA SER B 21 -4.90 -2.41 -6.94
C SER B 21 -6.01 -1.66 -6.20
N CYS B 22 -7.24 -2.12 -6.41
CA CYS B 22 -8.40 -1.55 -5.74
C CYS B 22 -9.44 -2.63 -5.56
N LYS B 23 -9.83 -2.89 -4.31
CA LYS B 23 -10.80 -3.93 -4.00
C LYS B 23 -12.05 -3.32 -3.37
N PRO B 24 -13.23 -3.49 -3.98
CA PRO B 24 -14.46 -3.03 -3.33
C PRO B 24 -14.88 -4.00 -2.23
N VAL B 25 -15.07 -3.47 -1.02
CA VAL B 25 -15.44 -4.25 0.14
C VAL B 25 -16.88 -3.94 0.52
N GLY B 26 -17.69 -4.98 0.65
CA GLY B 26 -19.07 -4.79 1.06
C GLY B 26 -20.02 -4.43 -0.06
N GLY B 27 -19.83 -4.99 -1.23
CA GLY B 27 -20.71 -4.69 -2.34
C GLY B 27 -20.46 -5.61 -3.52
N THR B 28 -21.13 -5.30 -4.62
CA THR B 28 -21.04 -6.10 -5.84
C THR B 28 -19.69 -5.82 -6.52
N PHE B 29 -19.55 -6.31 -7.75
CA PHE B 29 -18.29 -6.20 -8.48
C PHE B 29 -18.45 -5.95 -9.98
N THR B 30 -19.58 -6.30 -10.60
CA THR B 30 -19.74 -6.20 -12.04
C THR B 30 -20.87 -5.27 -12.44
N ASN B 31 -21.31 -4.39 -11.54
CA ASN B 31 -22.43 -3.50 -11.83
C ASN B 31 -21.99 -2.07 -12.16
N PHE B 32 -21.18 -1.46 -11.30
CA PHE B 32 -20.79 -0.06 -11.46
C PHE B 32 -19.33 0.04 -11.90
N ALA B 33 -19.06 1.04 -12.73
CA ALA B 33 -17.71 1.26 -13.23
C ALA B 33 -16.80 1.77 -12.14
N ILE B 34 -15.54 1.37 -12.20
CA ILE B 34 -14.49 1.88 -11.32
C ILE B 34 -13.75 2.96 -12.10
N HIS B 35 -13.90 4.22 -11.68
CA HIS B 35 -13.28 5.35 -12.34
C HIS B 35 -12.09 5.83 -11.53
N TRP B 36 -10.93 5.92 -12.19
CA TRP B 36 -9.68 6.33 -11.56
C TRP B 36 -9.47 7.82 -11.76
N VAL B 37 -9.12 8.51 -10.68
CA VAL B 37 -8.86 9.95 -10.70
C VAL B 37 -7.55 10.18 -9.97
N ARG B 38 -6.64 10.95 -10.59
CA ARG B 38 -5.37 11.24 -9.96
C ARG B 38 -5.26 12.74 -9.69
N GLN B 39 -4.24 13.10 -8.91
CA GLN B 39 -4.04 14.51 -8.54
C GLN B 39 -2.55 14.76 -8.42
N ALA B 40 -1.99 15.47 -9.39
CA ALA B 40 -0.60 15.88 -9.32
C ALA B 40 -0.41 16.88 -8.18
N PRO B 41 0.82 17.01 -7.67
CA PRO B 41 1.04 17.91 -6.52
C PRO B 41 0.60 19.34 -6.81
N GLY B 42 -0.35 19.83 -6.02
CA GLY B 42 -0.89 21.17 -6.17
C GLY B 42 -1.79 21.37 -7.38
N GLN B 43 -1.87 20.41 -8.30
CA GLN B 43 -2.64 20.57 -9.51
C GLN B 43 -4.04 19.98 -9.32
N GLY B 44 -4.92 20.26 -10.29
CA GLY B 44 -6.31 19.84 -10.19
C GLY B 44 -6.52 18.36 -10.45
N LEU B 45 -7.73 17.92 -10.13
CA LEU B 45 -8.11 16.52 -10.35
C LEU B 45 -8.09 16.20 -11.84
N GLU B 46 -7.72 14.96 -12.15
CA GLU B 46 -7.59 14.53 -13.54
C GLU B 46 -8.11 13.11 -13.68
N TRP B 47 -9.13 12.93 -14.50
CA TRP B 47 -9.68 11.60 -14.76
C TRP B 47 -8.69 10.80 -15.60
N VAL B 48 -8.39 9.59 -15.15
CA VAL B 48 -7.43 8.72 -15.83
C VAL B 48 -8.12 7.71 -16.74
N GLY B 49 -9.17 7.07 -16.23
CA GLY B 49 -9.88 6.05 -16.99
C GLY B 49 -10.89 5.30 -16.13
N GLY B 50 -11.83 4.63 -16.77
CA GLY B 50 -12.84 3.87 -16.05
C GLY B 50 -13.16 2.58 -16.75
N ARG B 51 -13.55 1.58 -15.95
CA ARG B 51 -13.80 0.24 -16.47
C ARG B 51 -14.85 -0.46 -15.62
N VAL B 52 -15.85 -1.04 -16.26
CA VAL B 52 -16.80 -1.91 -15.58
C VAL B 52 -16.17 -3.30 -15.52
N PRO B 53 -15.91 -3.84 -14.33
CA PRO B 53 -15.23 -5.14 -14.24
C PRO B 53 -16.05 -6.24 -14.90
N VAL B 54 -15.33 -7.19 -15.50
CA VAL B 54 -15.89 -8.37 -16.14
C VAL B 54 -16.70 -8.01 -17.38
N VAL B 55 -17.61 -7.04 -17.24
CA VAL B 55 -18.45 -6.63 -18.37
C VAL B 55 -17.59 -6.14 -19.54
N GLY B 56 -16.47 -5.48 -19.24
CA GLY B 56 -15.56 -5.05 -20.27
C GLY B 56 -15.80 -3.66 -20.82
N ILE B 57 -16.83 -2.96 -20.33
CA ILE B 57 -17.08 -1.59 -20.75
C ILE B 57 -16.02 -0.69 -20.12
N TYR B 58 -15.24 -0.01 -20.96
CA TYR B 58 -14.13 0.78 -20.44
C TYR B 58 -13.80 1.92 -21.40
N LYS B 59 -13.05 2.89 -20.89
CA LYS B 59 -12.51 3.97 -21.70
C LYS B 59 -11.31 4.57 -20.98
N TYR B 60 -10.22 4.75 -21.71
CA TYR B 60 -9.03 5.39 -21.16
C TYR B 60 -9.04 6.87 -21.52
N GLY B 61 -8.48 7.69 -20.62
CA GLY B 61 -8.26 9.07 -20.97
C GLY B 61 -7.39 9.20 -22.20
N LYS B 62 -7.68 10.24 -23.01
CA LYS B 62 -6.98 10.39 -24.27
C LYS B 62 -5.47 10.52 -24.06
N LYS B 63 -5.06 11.19 -22.99
CA LYS B 63 -3.63 11.35 -22.72
C LYS B 63 -2.97 10.05 -22.31
N PHE B 64 -3.75 9.08 -21.79
CA PHE B 64 -3.21 7.81 -21.33
C PHE B 64 -3.60 6.65 -22.26
N HIS B 65 -4.05 6.96 -23.48
CA HIS B 65 -4.62 5.93 -24.34
C HIS B 65 -3.62 4.81 -24.63
N ASP B 66 -2.34 5.13 -24.75
CA ASP B 66 -1.35 4.12 -25.10
C ASP B 66 -0.50 3.66 -23.92
N ARG B 67 -0.60 4.32 -22.77
CA ARG B 67 0.20 3.93 -21.61
C ARG B 67 -0.61 3.28 -20.49
N LEU B 68 -1.93 3.36 -20.54
CA LEU B 68 -2.79 2.89 -19.46
C LEU B 68 -3.33 1.50 -19.77
N ARG B 69 -3.57 0.73 -18.70
CA ARG B 69 -4.17 -0.59 -18.82
C ARG B 69 -4.99 -0.85 -17.57
N LEU B 70 -6.29 -1.09 -17.75
CA LEU B 70 -7.20 -1.40 -16.66
C LEU B 70 -7.68 -2.83 -16.80
N TYR B 71 -7.54 -3.61 -15.73
CA TYR B 71 -7.98 -5.00 -15.73
C TYR B 71 -8.38 -5.37 -14.30
N GLU B 72 -8.73 -6.64 -14.12
CA GLU B 72 -9.12 -7.12 -12.81
C GLU B 72 -8.95 -8.62 -12.74
N ASP B 73 -8.95 -9.15 -11.52
CA ASP B 73 -8.95 -10.58 -11.26
C ASP B 73 -10.29 -10.91 -10.62
N ASP B 74 -11.19 -11.53 -11.39
CA ASP B 74 -12.53 -11.83 -10.89
C ASP B 74 -12.55 -12.70 -9.64
N PRO B 75 -11.75 -13.77 -9.52
CA PRO B 75 -11.78 -14.55 -8.27
C PRO B 75 -11.42 -13.75 -7.04
N MET B 76 -10.55 -12.74 -7.16
CA MET B 76 -10.16 -11.93 -6.02
C MET B 76 -10.98 -10.65 -5.89
N LYS B 77 -11.91 -10.40 -6.82
CA LYS B 77 -12.78 -9.22 -6.78
C LYS B 77 -11.95 -7.93 -6.63
N THR B 78 -10.85 -7.84 -7.38
CA THR B 78 -9.93 -6.73 -7.29
C THR B 78 -9.65 -6.20 -8.68
N VAL B 79 -9.74 -4.88 -8.84
CA VAL B 79 -9.41 -4.22 -10.10
C VAL B 79 -8.01 -3.65 -9.99
N PHE B 80 -7.39 -3.43 -11.15
CA PHE B 80 -6.00 -3.00 -11.22
C PHE B 80 -5.85 -1.86 -12.23
N LEU B 81 -4.97 -0.92 -11.92
CA LEU B 81 -4.56 0.11 -12.86
C LEU B 81 -3.06 -0.03 -13.10
N GLU B 82 -2.66 -0.11 -14.36
CA GLU B 82 -1.26 -0.10 -14.75
C GLU B 82 -0.99 1.10 -15.63
N LEU B 83 0.02 1.89 -15.26
CA LEU B 83 0.45 3.04 -16.04
C LEU B 83 1.92 2.87 -16.36
N ARG B 84 2.26 2.80 -17.65
CA ARG B 84 3.61 2.53 -18.12
C ARG B 84 4.30 3.82 -18.53
N SER B 85 5.63 3.72 -18.70
CA SER B 85 6.45 4.83 -19.19
C SER B 85 6.29 6.07 -18.31
N LEU B 86 6.43 5.87 -17.00
CA LEU B 86 6.22 6.94 -16.04
C LEU B 86 7.25 8.06 -16.22
N THR B 87 6.77 9.29 -16.18
CA THR B 87 7.60 10.48 -16.11
C THR B 87 7.18 11.30 -14.89
N SER B 88 7.83 12.45 -14.70
CA SER B 88 7.53 13.30 -13.56
C SER B 88 6.10 13.83 -13.60
N ASP B 89 5.46 13.87 -14.76
CA ASP B 89 4.07 14.32 -14.84
C ASP B 89 3.10 13.35 -14.18
N ASP B 90 3.52 12.10 -13.96
CA ASP B 90 2.66 11.07 -13.40
C ASP B 90 2.75 10.97 -11.88
N THR B 91 3.65 11.74 -11.26
CA THR B 91 3.69 11.79 -9.80
C THR B 91 2.38 12.39 -9.27
N GLY B 92 1.85 11.79 -8.22
CA GLY B 92 0.63 12.27 -7.61
C GLY B 92 -0.04 11.17 -6.82
N VAL B 93 -1.25 11.48 -6.36
CA VAL B 93 -2.09 10.52 -5.64
C VAL B 93 -3.14 10.00 -6.60
N TYR B 94 -3.32 8.69 -6.63
CA TYR B 94 -4.27 8.03 -7.54
C TYR B 94 -5.43 7.49 -6.72
N TYR B 95 -6.64 7.92 -7.06
CA TYR B 95 -7.83 7.53 -6.34
C TYR B 95 -8.65 6.52 -7.13
N CYS B 96 -9.11 5.49 -6.43
CA CYS B 96 -10.11 4.56 -6.94
C CYS B 96 -11.49 5.05 -6.53
N THR B 97 -12.39 5.23 -7.49
CA THR B 97 -13.70 5.81 -7.22
C THR B 97 -14.81 4.96 -7.82
N ARG B 98 -16.02 5.17 -7.31
CA ARG B 98 -17.17 4.35 -7.65
C ARG B 98 -18.44 5.06 -7.21
N TRP B 99 -19.54 4.78 -7.91
CA TRP B 99 -20.87 5.22 -7.50
C TRP B 99 -21.59 4.09 -6.77
N ARG B 100 -22.36 4.44 -5.76
CA ARG B 100 -23.16 3.48 -5.02
C ARG B 100 -24.64 3.84 -5.13
N GLY B 101 -25.49 2.83 -5.01
CA GLY B 101 -26.93 3.03 -5.08
C GLY B 101 -27.68 1.81 -5.58
N ASP B 108 -32.84 -6.30 -11.89
CA ASP B 108 -31.94 -7.22 -11.20
C ASP B 108 -30.49 -6.75 -11.29
N THR B 109 -29.88 -6.92 -12.45
CA THR B 109 -28.47 -6.62 -12.65
C THR B 109 -28.26 -5.98 -14.01
N SER B 110 -27.47 -4.91 -14.04
CA SER B 110 -27.07 -4.24 -15.27
C SER B 110 -25.73 -3.57 -15.03
N SER B 111 -25.29 -2.76 -15.99
CA SER B 111 -24.03 -2.04 -15.90
C SER B 111 -24.24 -0.57 -16.20
N TYR B 112 -23.65 0.29 -15.37
CA TYR B 112 -23.75 1.74 -15.52
C TYR B 112 -22.35 2.34 -15.48
N TYR B 113 -22.06 3.19 -16.46
CA TYR B 113 -20.74 3.81 -16.61
C TYR B 113 -20.73 5.29 -16.29
N ASN B 114 -21.76 6.03 -16.69
CA ASN B 114 -21.80 7.49 -16.54
C ASN B 114 -22.42 7.82 -15.19
N ASP B 115 -21.57 8.00 -14.18
CA ASP B 115 -22.01 8.36 -12.85
C ASP B 115 -20.94 9.21 -12.17
N ALA B 116 -21.38 10.11 -11.30
CA ALA B 116 -20.48 10.76 -10.38
C ALA B 116 -19.94 9.74 -9.37
N SER B 117 -18.94 10.15 -8.60
CA SER B 117 -18.26 9.27 -7.67
C SER B 117 -18.46 9.78 -6.25
N ASP B 118 -19.23 9.02 -5.47
CA ASP B 118 -19.42 9.31 -4.06
C ASP B 118 -18.60 8.38 -3.16
N VAL B 119 -18.02 7.32 -3.70
CA VAL B 119 -17.15 6.41 -2.97
C VAL B 119 -15.73 6.61 -3.49
N TRP B 120 -14.83 6.98 -2.59
CA TRP B 120 -13.44 7.24 -2.93
C TRP B 120 -12.53 6.39 -2.07
N GLY B 121 -11.53 5.77 -2.68
CA GLY B 121 -10.51 5.07 -1.94
C GLY B 121 -9.61 6.06 -1.23
N PRO B 122 -8.77 5.57 -0.31
CA PRO B 122 -7.87 6.49 0.43
C PRO B 122 -6.82 7.13 -0.46
N GLY B 123 -6.65 6.67 -1.69
CA GLY B 123 -5.61 7.20 -2.55
C GLY B 123 -4.30 6.46 -2.41
N THR B 124 -3.59 6.36 -3.53
CA THR B 124 -2.28 5.72 -3.58
C THR B 124 -1.27 6.74 -4.10
N LYS B 125 -0.31 7.10 -3.25
CA LYS B 125 0.73 8.06 -3.64
C LYS B 125 1.75 7.37 -4.53
N VAL B 126 2.04 7.98 -5.67
CA VAL B 126 3.05 7.50 -6.61
C VAL B 126 4.10 8.58 -6.78
N ILE B 127 5.35 8.24 -6.54
CA ILE B 127 6.48 9.16 -6.66
C ILE B 127 7.38 8.64 -7.79
N VAL B 128 7.47 9.41 -8.87
CA VAL B 128 8.32 9.05 -10.00
C VAL B 128 9.68 9.69 -9.78
N SER B 129 10.67 8.87 -9.41
CA SER B 129 12.00 9.38 -9.09
C SER B 129 12.99 8.22 -9.16
N ALA B 130 14.22 8.54 -9.58
CA ALA B 130 15.31 7.58 -9.60
C ALA B 130 16.20 7.67 -8.37
N ALA B 131 15.76 8.38 -7.33
CA ALA B 131 16.58 8.60 -6.16
C ALA B 131 16.45 7.45 -5.16
N SER B 132 17.51 7.23 -4.41
CA SER B 132 17.50 6.33 -3.26
C SER B 132 17.40 7.15 -1.98
N THR B 133 17.26 6.45 -0.86
CA THR B 133 17.20 7.13 0.44
C THR B 133 18.48 7.93 0.67
N LYS B 134 18.31 9.22 0.95
CA LYS B 134 19.44 10.14 1.02
C LYS B 134 19.12 11.25 2.01
N GLY B 135 20.07 11.54 2.90
CA GLY B 135 19.91 12.62 3.85
C GLY B 135 20.14 13.97 3.19
N PRO B 136 19.57 15.02 3.77
CA PRO B 136 19.69 16.34 3.17
C PRO B 136 20.99 17.04 3.57
N SER B 137 21.33 18.05 2.78
CA SER B 137 22.31 19.05 3.17
C SER B 137 21.57 20.31 3.61
N VAL B 138 22.07 20.96 4.64
CA VAL B 138 21.38 22.09 5.26
C VAL B 138 22.20 23.34 5.00
N PHE B 139 21.67 24.25 4.20
CA PHE B 139 22.39 25.47 3.89
C PHE B 139 21.71 26.66 4.56
N PRO B 140 22.47 27.67 4.97
CA PRO B 140 21.88 28.80 5.68
C PRO B 140 21.24 29.79 4.72
N LEU B 141 20.10 30.34 5.14
CA LEU B 141 19.52 31.53 4.53
C LEU B 141 19.92 32.69 5.45
N ALA B 142 21.08 33.27 5.15
CA ALA B 142 21.72 34.16 6.11
C ALA B 142 21.04 35.53 6.13
N PRO B 143 20.82 36.11 7.31
CA PRO B 143 20.20 37.44 7.37
C PRO B 143 21.17 38.52 6.94
N SER B 144 20.66 39.50 6.20
CA SER B 144 21.46 40.60 5.70
C SER B 144 20.56 41.82 5.54
N SER B 145 21.13 42.90 5.00
CA SER B 145 20.32 44.06 4.66
C SER B 145 19.24 43.71 3.65
N LYS B 146 19.53 42.76 2.76
CA LYS B 146 18.53 42.31 1.79
C LYS B 146 17.43 41.45 2.42
N SER B 147 17.55 41.10 3.69
CA SER B 147 16.50 40.37 4.39
C SER B 147 16.05 41.07 5.68
N THR B 148 16.43 42.33 5.87
CA THR B 148 15.98 43.12 7.01
C THR B 148 15.12 44.28 6.51
N SER B 149 14.15 44.68 7.34
CA SER B 149 13.25 45.77 6.97
C SER B 149 12.62 46.32 8.25
N GLY B 150 13.15 47.45 8.72
CA GLY B 150 12.59 48.15 9.85
C GLY B 150 12.54 47.35 11.14
N GLY B 151 13.70 46.90 11.61
CA GLY B 151 13.79 46.17 12.86
C GLY B 151 13.41 44.71 12.78
N THR B 152 12.97 44.22 11.62
CA THR B 152 12.59 42.82 11.44
C THR B 152 13.56 42.18 10.46
N ALA B 153 14.24 41.12 10.90
CA ALA B 153 15.18 40.38 10.08
C ALA B 153 14.61 39.02 9.74
N ALA B 154 14.75 38.61 8.48
CA ALA B 154 14.35 37.28 8.03
C ALA B 154 15.59 36.42 7.84
N LEU B 155 15.51 35.17 8.31
CA LEU B 155 16.58 34.19 8.14
C LEU B 155 15.94 32.82 8.06
N GLY B 156 16.74 31.82 7.71
CA GLY B 156 16.19 30.49 7.60
C GLY B 156 17.24 29.45 7.27
N CYS B 157 16.75 28.26 6.91
CA CYS B 157 17.59 27.14 6.51
C CYS B 157 17.02 26.51 5.25
N LEU B 158 17.90 26.21 4.29
CA LEU B 158 17.53 25.51 3.07
C LEU B 158 17.86 24.03 3.27
N VAL B 159 16.83 23.19 3.29
CA VAL B 159 16.99 21.75 3.47
C VAL B 159 16.82 21.13 2.08
N LYS B 160 17.94 20.77 1.46
CA LYS B 160 17.96 20.45 0.03
C LYS B 160 18.45 19.03 -0.21
N ASP B 161 17.82 18.37 -1.19
CA ASP B 161 18.29 17.11 -1.76
C ASP B 161 18.17 15.93 -0.81
N TYR B 162 16.96 15.68 -0.30
CA TYR B 162 16.71 14.49 0.52
C TYR B 162 15.62 13.64 -0.12
N PHE B 163 15.55 12.39 0.34
CA PHE B 163 14.57 11.44 -0.15
C PHE B 163 14.54 10.25 0.80
N PRO B 164 13.36 9.75 1.19
CA PRO B 164 12.06 10.33 0.83
C PRO B 164 11.58 11.35 1.87
N GLU B 165 10.31 11.75 1.76
CA GLU B 165 9.70 12.55 2.80
C GLU B 165 9.42 11.66 4.02
N PRO B 166 9.26 12.25 5.22
CA PRO B 166 9.33 13.69 5.51
C PRO B 166 10.63 14.12 6.17
N VAL B 167 10.78 15.42 6.36
CA VAL B 167 11.84 15.99 7.19
C VAL B 167 11.19 16.96 8.15
N THR B 168 11.68 16.99 9.38
CA THR B 168 11.17 17.89 10.40
C THR B 168 12.20 18.96 10.71
N VAL B 169 11.72 20.19 10.90
CA VAL B 169 12.59 21.33 11.17
C VAL B 169 12.03 22.09 12.36
N SER B 170 12.88 22.34 13.35
CA SER B 170 12.54 23.19 14.48
C SER B 170 13.64 24.24 14.64
N TRP B 171 13.37 25.23 15.47
CA TRP B 171 14.28 26.35 15.67
C TRP B 171 14.65 26.46 17.14
N ASN B 172 15.96 26.49 17.42
CA ASN B 172 16.50 26.59 18.77
C ASN B 172 15.92 25.51 19.68
N SER B 173 15.90 24.28 19.16
CA SER B 173 15.43 23.10 19.89
C SER B 173 13.99 23.25 20.37
N GLY B 174 13.19 24.03 19.64
CA GLY B 174 11.79 24.21 19.94
C GLY B 174 11.44 25.47 20.71
N ALA B 175 12.44 26.23 21.17
CA ALA B 175 12.14 27.44 21.93
C ALA B 175 11.60 28.55 21.03
N LEU B 176 11.95 28.54 19.75
CA LEU B 176 11.53 29.58 18.81
C LEU B 176 10.45 28.99 17.91
N THR B 177 9.22 29.49 18.05
CA THR B 177 8.09 29.01 17.27
C THR B 177 7.35 30.16 16.59
N SER B 178 7.40 31.34 17.17
CA SER B 178 6.69 32.48 16.61
C SER B 178 7.39 33.00 15.36
N GLY B 179 6.59 33.29 14.33
CA GLY B 179 7.12 33.79 13.08
C GLY B 179 7.78 32.74 12.20
N VAL B 180 7.64 31.47 12.52
CA VAL B 180 8.28 30.39 11.78
C VAL B 180 7.38 29.96 10.63
N HIS B 181 7.97 29.78 9.45
CA HIS B 181 7.25 29.28 8.28
C HIS B 181 8.11 28.22 7.61
N THR B 182 7.73 26.96 7.79
CA THR B 182 8.38 25.84 7.12
C THR B 182 7.53 25.46 5.93
N PHE B 183 8.04 25.73 4.72
CA PHE B 183 7.24 25.56 3.53
C PHE B 183 7.10 24.07 3.18
N PRO B 184 6.04 23.70 2.47
CA PRO B 184 5.92 22.31 2.01
C PRO B 184 7.08 21.94 1.10
N ALA B 185 7.50 20.69 1.18
CA ALA B 185 8.58 20.21 0.34
C ALA B 185 8.16 20.20 -1.12
N VAL B 186 9.15 20.33 -2.01
CA VAL B 186 8.93 20.28 -3.44
C VAL B 186 9.89 19.25 -4.03
N LEU B 187 9.39 18.45 -4.95
CA LEU B 187 10.21 17.44 -5.62
C LEU B 187 10.94 18.10 -6.77
N GLN B 188 12.27 18.22 -6.65
CA GLN B 188 13.06 18.92 -7.65
C GLN B 188 13.19 18.09 -8.93
N SER B 189 13.75 18.71 -9.95
CA SER B 189 13.93 18.06 -11.24
C SER B 189 14.83 16.83 -11.14
N SER B 190 15.62 16.72 -10.08
CA SER B 190 16.49 15.58 -9.86
C SER B 190 15.77 14.39 -9.23
N GLY B 191 14.55 14.58 -8.74
CA GLY B 191 13.88 13.55 -7.98
C GLY B 191 14.16 13.60 -6.49
N LEU B 192 14.84 14.63 -6.01
CA LEU B 192 15.11 14.83 -4.60
C LEU B 192 14.28 16.00 -4.09
N TYR B 193 13.77 15.86 -2.87
CA TYR B 193 12.96 16.90 -2.26
C TYR B 193 13.83 18.06 -1.78
N SER B 194 13.18 19.19 -1.52
CA SER B 194 13.85 20.38 -1.02
C SER B 194 12.81 21.29 -0.38
N LEU B 195 13.19 21.95 0.70
CA LEU B 195 12.30 22.93 1.33
C LEU B 195 13.14 23.95 2.09
N SER B 196 12.50 25.06 2.41
CA SER B 196 13.09 26.09 3.24
C SER B 196 12.22 26.32 4.46
N SER B 197 12.87 26.54 5.60
CA SER B 197 12.20 26.95 6.83
C SER B 197 12.73 28.33 7.18
N VAL B 198 11.84 29.30 7.36
CA VAL B 198 12.23 30.68 7.60
C VAL B 198 11.61 31.14 8.92
N VAL B 199 12.11 32.28 9.41
CA VAL B 199 11.61 32.89 10.63
C VAL B 199 12.00 34.37 10.58
N THR B 200 11.13 35.21 11.13
CA THR B 200 11.39 36.64 11.25
C THR B 200 11.64 36.97 12.72
N VAL B 201 12.70 37.73 12.97
CA VAL B 201 13.12 38.06 14.34
C VAL B 201 13.47 39.54 14.39
N PRO B 202 13.53 40.10 15.60
CA PRO B 202 14.02 41.48 15.73
C PRO B 202 15.44 41.61 15.17
N SER B 203 15.65 42.59 14.30
CA SER B 203 16.99 42.74 13.70
C SER B 203 18.05 43.04 14.77
N SER B 204 17.67 43.65 15.89
CA SER B 204 18.64 43.94 16.93
C SER B 204 19.12 42.70 17.67
N SER B 205 18.47 41.55 17.46
CA SER B 205 18.85 40.33 18.15
C SER B 205 19.91 39.53 17.40
N LEU B 206 20.29 39.95 16.19
CA LEU B 206 21.23 39.16 15.39
C LEU B 206 22.58 39.05 16.07
N GLY B 207 23.02 40.11 16.76
CA GLY B 207 24.29 40.06 17.45
C GLY B 207 24.24 39.46 18.85
N THR B 208 23.05 39.21 19.38
CA THR B 208 22.88 38.71 20.73
C THR B 208 22.29 37.30 20.79
N GLN B 209 21.31 37.01 19.93
CA GLN B 209 20.61 35.73 19.97
C GLN B 209 21.15 34.78 18.91
N THR B 210 21.34 33.52 19.32
CA THR B 210 21.73 32.47 18.40
C THR B 210 20.49 31.86 17.76
N TYR B 211 20.59 31.55 16.46
CA TYR B 211 19.49 30.95 15.72
C TYR B 211 19.99 29.67 15.07
N ILE B 212 19.45 28.54 15.49
CA ILE B 212 19.84 27.22 15.01
C ILE B 212 18.60 26.50 14.53
N CYS B 213 18.65 26.00 13.30
CA CYS B 213 17.59 25.14 12.78
C CYS B 213 17.96 23.69 13.04
N ASN B 214 17.02 22.95 13.62
CA ASN B 214 17.23 21.54 13.97
C ASN B 214 16.54 20.69 12.92
N VAL B 215 17.33 20.06 12.08
CA VAL B 215 16.82 19.27 10.96
C VAL B 215 16.98 17.79 11.29
N ASN B 216 15.94 17.01 11.03
CA ASN B 216 15.96 15.58 11.29
C ASN B 216 15.28 14.87 10.13
N HIS B 217 16.04 14.07 9.39
CA HIS B 217 15.52 13.24 8.31
C HIS B 217 15.57 11.80 8.79
N LYS B 218 14.43 11.34 9.33
CA LYS B 218 14.38 10.00 9.92
C LYS B 218 14.71 8.88 8.93
N PRO B 219 14.19 8.86 7.69
CA PRO B 219 14.50 7.72 6.80
C PRO B 219 15.98 7.47 6.58
N SER B 220 16.81 8.50 6.58
CA SER B 220 18.25 8.33 6.41
C SER B 220 19.01 8.44 7.72
N ASN B 221 18.31 8.60 8.84
CA ASN B 221 18.95 8.76 10.15
C ASN B 221 19.93 9.93 10.12
N THR B 222 19.51 11.03 9.48
CA THR B 222 20.34 12.23 9.33
C THR B 222 19.77 13.32 10.22
N LYS B 223 20.61 13.85 11.10
CA LYS B 223 20.24 14.95 11.98
C LYS B 223 21.34 16.00 11.93
N VAL B 224 20.95 17.26 11.72
CA VAL B 224 21.88 18.37 11.59
C VAL B 224 21.34 19.55 12.40
N ASP B 225 22.21 20.16 13.22
CA ASP B 225 21.91 21.42 13.89
C ASP B 225 22.77 22.50 13.23
N LYS B 226 22.14 23.37 12.44
CA LYS B 226 22.84 24.38 11.67
C LYS B 226 22.58 25.76 12.26
N LYS B 227 23.64 26.44 12.66
CA LYS B 227 23.53 27.81 13.16
C LYS B 227 23.58 28.78 12.00
N VAL B 228 22.59 29.67 11.92
CA VAL B 228 22.49 30.63 10.84
C VAL B 228 23.13 31.94 11.30
N GLU B 229 24.19 32.34 10.61
CA GLU B 229 24.94 33.53 10.98
C GLU B 229 24.67 34.66 10.00
N PRO B 230 24.78 35.91 10.44
CA PRO B 230 24.59 37.04 9.50
C PRO B 230 25.62 37.02 8.39
N LYS B 231 25.31 37.76 7.33
CA LYS B 231 26.15 37.81 6.14
C LYS B 231 26.06 39.20 5.53
N SER B 232 27.20 39.73 5.10
CA SER B 232 27.24 41.04 4.46
C SER B 232 26.76 40.88 3.02
N CYS B 233 25.63 41.50 2.70
CA CYS B 233 25.09 41.45 1.35
C CYS B 233 24.65 42.83 0.88
N GLU C 1 10.10 -16.78 28.82
CA GLU C 1 8.82 -16.37 28.25
C GLU C 1 7.78 -17.47 28.41
N ILE C 2 6.52 -17.15 28.10
CA ILE C 2 5.43 -18.11 28.09
C ILE C 2 5.20 -18.56 26.66
N VAL C 3 5.18 -19.87 26.44
CA VAL C 3 4.98 -20.45 25.12
C VAL C 3 3.79 -21.41 25.19
N LEU C 4 2.96 -21.38 24.14
CA LEU C 4 1.77 -22.19 24.06
C LEU C 4 1.94 -23.24 22.96
N THR C 5 1.56 -24.47 23.26
CA THR C 5 1.58 -25.56 22.30
C THR C 5 0.16 -26.10 22.12
N GLN C 6 -0.12 -26.64 20.94
CA GLN C 6 -1.44 -27.14 20.61
C GLN C 6 -1.36 -28.54 20.03
N SER C 7 -2.42 -29.32 20.26
CA SER C 7 -2.52 -30.68 19.80
C SER C 7 -3.99 -31.03 19.65
N PRO C 8 -4.37 -31.81 18.63
CA PRO C 8 -3.47 -32.35 17.60
C PRO C 8 -3.13 -31.31 16.55
N VAL C 9 -2.26 -31.67 15.62
CA VAL C 9 -1.98 -30.76 14.48
C VAL C 9 -3.23 -30.67 13.61
N THR C 10 -3.83 -31.81 13.30
CA THR C 10 -5.04 -31.82 12.48
C THR C 10 -6.10 -32.74 13.11
N LEU C 11 -7.24 -32.18 13.47
CA LEU C 11 -8.34 -32.91 14.08
C LEU C 11 -9.41 -33.16 13.03
N SER C 12 -9.68 -34.43 12.75
CA SER C 12 -10.64 -34.83 11.73
C SER C 12 -11.99 -35.10 12.38
N LEU C 13 -13.04 -34.47 11.83
CA LEU C 13 -14.39 -34.65 12.33
C LEU C 13 -15.37 -34.64 11.16
N SER C 14 -16.53 -35.26 11.38
CA SER C 14 -17.63 -35.20 10.45
C SER C 14 -18.69 -34.22 10.96
N SER C 15 -19.64 -33.90 10.08
CA SER C 15 -20.74 -33.03 10.47
C SER C 15 -21.55 -33.68 11.59
N GLY C 16 -21.70 -32.95 12.69
CA GLY C 16 -22.42 -33.46 13.85
C GLY C 16 -21.57 -34.17 14.87
N GLU C 17 -20.27 -34.31 14.64
CA GLU C 17 -19.37 -35.00 15.54
C GLU C 17 -18.80 -34.03 16.57
N THR C 18 -18.29 -34.59 17.67
CA THR C 18 -17.74 -33.81 18.77
C THR C 18 -16.24 -34.05 18.87
N GLY C 19 -15.48 -32.96 19.02
CA GLY C 19 -14.04 -33.05 19.16
C GLY C 19 -13.51 -31.97 20.06
N THR C 20 -12.35 -32.24 20.65
CA THR C 20 -11.72 -31.35 21.62
C THR C 20 -10.33 -30.98 21.15
N LEU C 21 -10.02 -29.69 21.19
CA LEU C 21 -8.70 -29.16 20.87
C LEU C 21 -8.00 -28.76 22.16
N SER C 22 -6.68 -28.93 22.18
CA SER C 22 -5.91 -28.74 23.40
C SER C 22 -4.87 -27.64 23.24
N CYS C 23 -4.68 -26.87 24.31
CA CYS C 23 -3.70 -25.80 24.38
C CYS C 23 -2.94 -25.93 25.70
N ARG C 24 -1.62 -26.00 25.64
CA ARG C 24 -0.78 -26.19 26.81
C ARG C 24 0.17 -25.02 26.97
N ALA C 25 0.26 -24.49 28.19
CA ALA C 25 1.19 -23.42 28.51
C ALA C 25 2.45 -23.99 29.18
N SER C 26 3.53 -23.22 29.10
CA SER C 26 4.78 -23.65 29.70
C SER C 26 4.82 -23.42 31.20
N GLN C 27 4.06 -22.45 31.70
CA GLN C 27 4.00 -22.13 33.12
C GLN C 27 2.54 -22.05 33.55
N ASN C 28 2.32 -22.21 34.85
CA ASN C 28 0.97 -22.07 35.40
C ASN C 28 0.49 -20.62 35.25
N ILE C 29 -0.66 -20.45 34.61
CA ILE C 29 -1.21 -19.13 34.32
C ILE C 29 -2.67 -19.09 34.74
N SER C 30 -3.16 -17.86 34.95
CA SER C 30 -4.57 -17.67 35.27
C SER C 30 -5.42 -17.89 34.02
N SER C 31 -6.60 -18.48 34.23
CA SER C 31 -7.51 -18.74 33.12
C SER C 31 -8.09 -17.47 32.51
N SER C 32 -7.96 -16.32 33.19
CA SER C 32 -8.51 -15.07 32.70
C SER C 32 -7.71 -14.48 31.55
N TRP C 33 -6.64 -15.14 31.09
CA TRP C 33 -5.78 -14.59 30.05
C TRP C 33 -5.63 -15.53 28.87
N ILE C 34 -6.54 -16.50 28.70
CA ILE C 34 -6.51 -17.43 27.59
C ILE C 34 -7.67 -17.10 26.65
N ALA C 35 -7.38 -17.04 25.36
CA ALA C 35 -8.39 -16.80 24.34
C ALA C 35 -8.25 -17.82 23.22
N TRP C 36 -9.36 -18.03 22.51
CA TRP C 36 -9.39 -18.92 21.34
C TRP C 36 -9.88 -18.13 20.12
N TYR C 37 -9.24 -18.36 18.98
CA TYR C 37 -9.55 -17.67 17.75
C TYR C 37 -9.88 -18.66 16.64
N GLN C 38 -10.81 -18.28 15.78
CA GLN C 38 -11.20 -19.09 14.63
C GLN C 38 -10.73 -18.42 13.35
N GLN C 39 -10.17 -19.22 12.44
CA GLN C 39 -9.64 -18.70 11.19
C GLN C 39 -10.04 -19.66 10.08
N ARG C 40 -10.94 -19.21 9.20
CA ARG C 40 -11.36 -20.00 8.05
C ARG C 40 -10.39 -19.92 6.88
N ARG C 41 -9.21 -19.31 7.09
CA ARG C 41 -8.10 -19.32 6.15
C ARG C 41 -8.48 -18.75 4.79
N GLY C 42 -9.53 -17.93 4.76
CA GLY C 42 -9.89 -17.15 3.59
C GLY C 42 -10.36 -15.78 4.06
N GLN C 43 -10.44 -15.63 5.37
CA GLN C 43 -10.88 -14.40 6.01
C GLN C 43 -9.93 -14.06 7.15
N VAL C 44 -10.31 -13.09 7.99
CA VAL C 44 -9.48 -12.67 9.11
C VAL C 44 -9.78 -13.58 10.31
N PRO C 45 -8.89 -13.68 11.30
CA PRO C 45 -9.23 -14.42 12.51
C PRO C 45 -10.41 -13.80 13.23
N ARG C 46 -11.18 -14.65 13.90
CA ARG C 46 -12.35 -14.23 14.67
C ARG C 46 -12.23 -14.74 16.09
N LEU C 47 -12.45 -13.85 17.06
CA LEU C 47 -12.43 -14.26 18.46
C LEU C 47 -13.63 -15.13 18.78
N LEU C 48 -13.37 -16.31 19.34
CA LEU C 48 -14.43 -17.20 19.81
C LEU C 48 -14.65 -17.09 21.32
N ILE C 49 -13.58 -17.15 22.10
CA ILE C 49 -13.67 -17.24 23.55
C ILE C 49 -12.54 -16.43 24.17
N SER C 50 -12.85 -15.71 25.25
CA SER C 50 -11.85 -15.03 26.05
C SER C 50 -11.98 -15.49 27.50
N ALA C 51 -10.94 -15.22 28.29
CA ALA C 51 -10.87 -15.65 29.68
C ALA C 51 -11.18 -17.15 29.80
N ALA C 52 -10.59 -17.93 28.89
CA ALA C 52 -10.68 -19.39 28.87
C ALA C 52 -12.06 -19.91 28.51
N SER C 53 -13.13 -19.29 29.03
CA SER C 53 -14.46 -19.86 28.90
C SER C 53 -15.56 -18.87 28.50
N ALA C 54 -15.26 -17.57 28.40
CA ALA C 54 -16.28 -16.57 28.09
C ALA C 54 -16.46 -16.48 26.59
N ARG C 55 -17.61 -16.94 26.10
CA ARG C 55 -17.91 -16.88 24.68
C ARG C 55 -18.12 -15.44 24.23
N ALA C 56 -17.52 -15.08 23.10
CA ALA C 56 -17.67 -13.74 22.57
C ALA C 56 -19.08 -13.55 21.99
N ALA C 57 -19.43 -12.29 21.76
CA ALA C 57 -20.77 -11.97 21.27
C ALA C 57 -20.97 -12.50 19.86
N GLY C 58 -22.10 -13.19 19.64
CA GLY C 58 -22.41 -13.77 18.35
C GLY C 58 -21.84 -15.15 18.11
N ILE C 59 -21.01 -15.66 19.01
CA ILE C 59 -20.39 -16.97 18.84
C ILE C 59 -21.39 -18.05 19.23
N PRO C 60 -21.73 -18.97 18.33
CA PRO C 60 -22.72 -20.01 18.67
C PRO C 60 -22.25 -20.88 19.82
N ASP C 61 -23.22 -21.48 20.50
CA ASP C 61 -22.96 -22.25 21.72
C ASP C 61 -22.36 -23.63 21.42
N ARG C 62 -22.02 -23.93 20.17
CA ARG C 62 -21.29 -25.16 19.88
C ARG C 62 -19.87 -25.11 20.44
N PHE C 63 -19.34 -23.92 20.70
CA PHE C 63 -17.96 -23.75 21.14
C PHE C 63 -17.93 -23.53 22.65
N THR C 64 -17.18 -24.37 23.35
CA THR C 64 -17.03 -24.26 24.80
C THR C 64 -15.56 -24.35 25.15
N GLY C 65 -15.06 -23.34 25.87
CA GLY C 65 -13.69 -23.30 26.33
C GLY C 65 -13.61 -23.64 27.81
N ARG C 66 -12.59 -24.42 28.17
CA ARG C 66 -12.41 -24.89 29.53
C ARG C 66 -10.93 -24.90 29.87
N GLY C 67 -10.63 -25.11 31.15
CA GLY C 67 -9.26 -25.34 31.55
C GLY C 67 -8.70 -24.38 32.58
N SER C 68 -7.62 -24.78 33.23
CA SER C 68 -6.94 -23.95 34.22
C SER C 68 -5.51 -24.46 34.36
N GLY C 69 -4.70 -23.69 35.07
CA GLY C 69 -3.30 -24.04 35.26
C GLY C 69 -2.48 -23.98 33.99
N THR C 70 -2.33 -25.12 33.31
CA THR C 70 -1.64 -25.17 32.03
C THR C 70 -2.42 -25.89 30.95
N ASP C 71 -3.52 -26.58 31.29
CA ASP C 71 -4.31 -27.32 30.32
C ASP C 71 -5.56 -26.51 29.99
N PHE C 72 -5.72 -26.19 28.70
CA PHE C 72 -6.88 -25.44 28.23
C PHE C 72 -7.44 -26.10 26.98
N THR C 73 -8.76 -26.22 26.92
CA THR C 73 -9.41 -26.99 25.87
C THR C 73 -10.47 -26.15 25.16
N LEU C 74 -10.67 -26.46 23.88
CA LEU C 74 -11.76 -25.92 23.08
C LEU C 74 -12.54 -27.08 22.50
N THR C 75 -13.82 -27.18 22.85
CA THR C 75 -14.67 -28.28 22.42
C THR C 75 -15.68 -27.79 21.39
N ILE C 76 -15.85 -28.56 20.32
CA ILE C 76 -16.87 -28.32 19.31
C ILE C 76 -17.82 -29.51 19.35
N THR C 77 -19.07 -29.27 19.73
CA THR C 77 -19.98 -30.37 20.06
C THR C 77 -20.61 -31.00 18.82
N ARG C 78 -21.39 -30.22 18.08
CA ARG C 78 -22.03 -30.70 16.84
C ARG C 78 -21.68 -29.70 15.75
N LEU C 79 -20.47 -29.81 15.21
CA LEU C 79 -19.98 -28.81 14.28
C LEU C 79 -20.80 -28.78 13.00
N GLU C 80 -21.00 -27.59 12.48
CA GLU C 80 -21.57 -27.33 11.17
C GLU C 80 -20.45 -27.22 10.13
N PRO C 81 -20.78 -27.34 8.85
CA PRO C 81 -19.72 -27.21 7.82
C PRO C 81 -18.91 -25.92 7.91
N GLU C 82 -19.47 -24.85 8.47
CA GLU C 82 -18.73 -23.60 8.57
C GLU C 82 -17.68 -23.61 9.68
N ASP C 83 -17.63 -24.65 10.51
CA ASP C 83 -16.68 -24.71 11.61
C ASP C 83 -15.33 -25.29 11.21
N PHE C 84 -15.17 -25.71 9.95
CA PHE C 84 -13.88 -26.20 9.49
C PHE C 84 -12.92 -25.04 9.31
N GLY C 85 -11.71 -25.18 9.82
CA GLY C 85 -10.73 -24.12 9.77
C GLY C 85 -9.62 -24.37 10.78
N VAL C 86 -8.91 -23.30 11.12
CA VAL C 86 -7.78 -23.35 12.04
C VAL C 86 -8.13 -22.59 13.30
N TYR C 87 -7.89 -23.22 14.45
CA TYR C 87 -8.18 -22.64 15.75
C TYR C 87 -6.89 -22.47 16.53
N SER C 88 -6.65 -21.25 17.01
CA SER C 88 -5.43 -20.92 17.72
C SER C 88 -5.77 -20.39 19.11
N CYS C 89 -5.00 -20.81 20.10
CA CYS C 89 -5.12 -20.23 21.43
C CYS C 89 -4.14 -19.07 21.58
N GLN C 90 -4.43 -18.21 22.55
CA GLN C 90 -3.64 -17.01 22.80
C GLN C 90 -3.57 -16.74 24.29
N TYR C 91 -2.41 -16.29 24.74
CA TYR C 91 -2.22 -15.79 26.10
C TYR C 91 -1.99 -14.30 26.03
N TYR C 92 -2.85 -13.53 26.69
CA TYR C 92 -2.77 -12.07 26.66
C TYR C 92 -2.55 -11.48 28.04
N GLY C 93 -1.85 -12.22 28.91
CA GLY C 93 -1.45 -11.69 30.19
C GLY C 93 -0.05 -11.09 30.15
N GLY C 94 0.23 -10.23 31.12
CA GLY C 94 1.54 -9.60 31.16
C GLY C 94 1.72 -8.60 30.03
N SER C 95 2.99 -8.37 29.69
CA SER C 95 3.34 -7.40 28.65
C SER C 95 3.51 -8.03 27.28
N PHE C 96 3.81 -9.33 27.22
CA PHE C 96 4.06 -10.03 25.97
C PHE C 96 2.92 -11.00 25.69
N PHE C 97 2.26 -10.82 24.56
CA PHE C 97 1.24 -11.77 24.11
C PHE C 97 1.89 -12.85 23.24
N THR C 98 1.24 -14.00 23.16
CA THR C 98 1.73 -15.07 22.31
C THR C 98 0.56 -15.97 21.90
N PHE C 99 0.67 -16.53 20.70
CA PHE C 99 -0.31 -17.45 20.15
C PHE C 99 0.28 -18.86 20.06
N GLY C 100 -0.61 -19.84 20.07
CA GLY C 100 -0.22 -21.20 19.74
C GLY C 100 -0.07 -21.37 18.25
N PRO C 101 0.54 -22.49 17.85
CA PRO C 101 0.76 -22.75 16.42
C PRO C 101 -0.51 -23.01 15.63
N GLY C 102 -1.64 -23.23 16.30
CA GLY C 102 -2.89 -23.47 15.59
C GLY C 102 -3.17 -24.94 15.40
N THR C 103 -4.46 -25.26 15.38
CA THR C 103 -4.93 -26.62 15.09
C THR C 103 -5.97 -26.54 13.99
N GLN C 104 -5.75 -27.36 12.97
CA GLN C 104 -6.65 -27.40 11.80
C GLN C 104 -7.73 -28.47 12.00
N VAL C 105 -8.98 -28.11 11.87
CA VAL C 105 -10.05 -29.09 11.87
C VAL C 105 -10.53 -29.27 10.44
N ASP C 106 -10.59 -30.51 9.98
CA ASP C 106 -10.87 -30.80 8.58
C ASP C 106 -11.89 -31.92 8.49
N VAL C 107 -12.41 -32.12 7.27
CA VAL C 107 -13.48 -33.10 7.06
C VAL C 107 -12.93 -34.50 7.23
N LYS C 108 -13.59 -35.30 8.07
CA LYS C 108 -13.18 -36.68 8.27
C LYS C 108 -13.48 -37.51 7.03
N ARG C 109 -12.66 -38.53 6.80
CA ARG C 109 -12.77 -39.33 5.59
C ARG C 109 -12.04 -40.64 5.81
N THR C 110 -12.40 -41.64 5.00
CA THR C 110 -11.69 -42.90 4.99
C THR C 110 -10.25 -42.69 4.54
N VAL C 111 -9.33 -43.47 5.11
CA VAL C 111 -7.92 -43.36 4.75
C VAL C 111 -7.75 -43.59 3.25
N ALA C 112 -6.91 -42.77 2.63
CA ALA C 112 -6.63 -42.87 1.21
C ALA C 112 -5.13 -42.71 1.00
N ALA C 113 -4.47 -43.75 0.50
CA ALA C 113 -3.05 -43.67 0.24
C ALA C 113 -2.79 -42.79 -0.97
N PRO C 114 -1.72 -42.00 -0.96
CA PRO C 114 -1.43 -41.14 -2.12
C PRO C 114 -0.93 -41.93 -3.31
N SER C 115 -1.28 -41.48 -4.50
CA SER C 115 -0.62 -41.89 -5.73
C SER C 115 0.60 -40.99 -5.91
N VAL C 116 1.78 -41.60 -6.04
CA VAL C 116 3.05 -40.89 -6.05
C VAL C 116 3.58 -40.86 -7.48
N PHE C 117 3.79 -39.67 -8.03
CA PHE C 117 4.38 -39.48 -9.33
C PHE C 117 5.60 -38.59 -9.22
N ILE C 118 6.60 -38.84 -10.07
CA ILE C 118 7.81 -38.03 -10.10
C ILE C 118 8.03 -37.53 -11.51
N PHE C 119 8.54 -36.30 -11.63
CA PHE C 119 8.76 -35.66 -12.93
C PHE C 119 10.20 -35.18 -13.00
N PRO C 120 10.94 -35.48 -14.06
CA PRO C 120 12.28 -34.95 -14.23
C PRO C 120 12.22 -33.50 -14.69
N PRO C 121 13.33 -32.77 -14.60
CA PRO C 121 13.37 -31.44 -15.22
C PRO C 121 13.34 -31.54 -16.73
N SER C 122 12.74 -30.55 -17.36
CA SER C 122 12.67 -30.51 -18.81
C SER C 122 13.98 -30.01 -19.39
N ASP C 123 14.26 -30.40 -20.63
CA ASP C 123 15.46 -29.92 -21.31
C ASP C 123 15.44 -28.41 -21.47
N GLU C 124 14.26 -27.82 -21.59
CA GLU C 124 14.16 -26.37 -21.70
C GLU C 124 14.68 -25.69 -20.44
N GLN C 125 14.29 -26.19 -19.26
CA GLN C 125 14.77 -25.58 -18.02
C GLN C 125 16.26 -25.82 -17.83
N LEU C 126 16.75 -27.01 -18.21
CA LEU C 126 18.17 -27.29 -18.09
C LEU C 126 19.02 -26.31 -18.90
N LYS C 127 18.50 -25.86 -20.05
CA LYS C 127 19.22 -24.85 -20.83
C LYS C 127 19.39 -23.56 -20.03
N SER C 128 18.42 -23.21 -19.19
CA SER C 128 18.48 -21.98 -18.41
C SER C 128 19.46 -22.06 -17.26
N GLY C 129 20.00 -23.24 -16.95
CA GLY C 129 20.94 -23.40 -15.87
C GLY C 129 20.35 -23.88 -14.55
N THR C 130 19.09 -24.26 -14.52
CA THR C 130 18.45 -24.74 -13.30
C THR C 130 17.74 -26.06 -13.59
N ALA C 131 17.41 -26.77 -12.51
CA ALA C 131 16.76 -28.07 -12.59
C ALA C 131 15.77 -28.22 -11.45
N SER C 132 14.51 -28.48 -11.79
CA SER C 132 13.45 -28.70 -10.81
C SER C 132 12.93 -30.12 -10.96
N VAL C 133 13.00 -30.89 -9.88
CA VAL C 133 12.43 -32.23 -9.83
C VAL C 133 11.18 -32.16 -8.95
N VAL C 134 10.06 -32.63 -9.48
CA VAL C 134 8.77 -32.53 -8.82
C VAL C 134 8.28 -33.91 -8.44
N CYS C 135 7.88 -34.06 -7.18
CA CYS C 135 7.27 -35.27 -6.66
C CYS C 135 5.82 -34.93 -6.32
N LEU C 136 4.88 -35.70 -6.86
CA LEU C 136 3.46 -35.42 -6.72
C LEU C 136 2.81 -36.50 -5.85
N LEU C 137 2.10 -36.06 -4.82
CA LEU C 137 1.27 -36.93 -3.98
C LEU C 137 -0.17 -36.54 -4.24
N ASN C 138 -0.93 -37.43 -4.86
CA ASN C 138 -2.26 -37.12 -5.37
C ASN C 138 -3.33 -37.82 -4.56
N ASN C 139 -4.31 -37.05 -4.07
CA ASN C 139 -5.56 -37.55 -3.51
C ASN C 139 -5.31 -38.52 -2.34
N PHE C 140 -4.79 -37.95 -1.26
CA PHE C 140 -4.50 -38.73 -0.07
C PHE C 140 -5.21 -38.15 1.15
N TYR C 141 -5.35 -39.00 2.17
CA TYR C 141 -5.95 -38.63 3.44
C TYR C 141 -5.52 -39.66 4.46
N PRO C 142 -5.18 -39.27 5.70
CA PRO C 142 -5.22 -37.90 6.25
C PRO C 142 -4.12 -36.97 5.76
N ARG C 143 -4.10 -35.76 6.32
CA ARG C 143 -3.25 -34.69 5.82
C ARG C 143 -1.77 -35.01 6.00
N GLU C 144 -1.41 -35.65 7.10
CA GLU C 144 0.00 -35.86 7.42
C GLU C 144 0.70 -36.68 6.34
N ALA C 145 1.79 -36.14 5.82
CA ALA C 145 2.57 -36.81 4.77
C ALA C 145 4.01 -36.34 4.85
N LYS C 146 4.94 -37.28 4.80
CA LYS C 146 6.37 -37.00 4.84
C LYS C 146 6.97 -37.33 3.48
N VAL C 147 7.77 -36.42 2.95
CA VAL C 147 8.44 -36.61 1.66
C VAL C 147 9.93 -36.32 1.86
N GLN C 148 10.78 -37.27 1.47
CA GLN C 148 12.22 -37.13 1.57
C GLN C 148 12.84 -37.32 0.19
N TRP C 149 13.75 -36.42 -0.17
CA TRP C 149 14.47 -36.47 -1.44
C TRP C 149 15.84 -37.10 -1.23
N LYS C 150 16.23 -37.96 -2.16
CA LYS C 150 17.54 -38.60 -2.15
C LYS C 150 18.17 -38.48 -3.53
N VAL C 151 19.38 -37.93 -3.58
CA VAL C 151 20.13 -37.77 -4.82
C VAL C 151 21.36 -38.64 -4.69
N ASP C 152 21.36 -39.80 -5.36
CA ASP C 152 22.40 -40.82 -5.20
C ASP C 152 22.56 -41.19 -3.72
N ASN C 153 21.42 -41.52 -3.09
CA ASN C 153 21.34 -41.91 -1.69
C ASN C 153 21.81 -40.82 -0.73
N ALA C 154 21.92 -39.58 -1.20
CA ALA C 154 22.26 -38.44 -0.35
C ALA C 154 20.98 -37.71 0.01
N LEU C 155 20.64 -37.68 1.30
CA LEU C 155 19.44 -37.00 1.76
C LEU C 155 19.55 -35.51 1.49
N GLN C 156 18.46 -34.92 0.99
CA GLN C 156 18.40 -33.50 0.67
C GLN C 156 17.67 -32.78 1.79
N SER C 157 18.31 -31.77 2.36
CA SER C 157 17.73 -30.97 3.44
C SER C 157 17.91 -29.50 3.12
N GLY C 158 16.80 -28.78 3.01
CA GLY C 158 16.83 -27.34 2.81
C GLY C 158 16.82 -26.87 1.37
N ASN C 159 16.75 -27.76 0.39
CA ASN C 159 16.74 -27.36 -1.01
C ASN C 159 15.46 -27.82 -1.72
N SER C 160 14.38 -28.04 -0.98
CA SER C 160 13.09 -28.37 -1.58
C SER C 160 12.00 -27.63 -0.83
N GLN C 161 10.89 -27.39 -1.52
CA GLN C 161 9.72 -26.73 -0.95
C GLN C 161 8.48 -27.50 -1.34
N GLU C 162 7.53 -27.62 -0.41
CA GLU C 162 6.30 -28.35 -0.66
C GLU C 162 5.09 -27.46 -0.46
N SER C 163 4.11 -27.62 -1.34
CA SER C 163 2.84 -26.92 -1.27
C SER C 163 1.71 -27.93 -1.34
N VAL C 164 0.60 -27.60 -0.69
CA VAL C 164 -0.54 -28.51 -0.55
C VAL C 164 -1.80 -27.78 -0.97
N THR C 165 -2.71 -28.51 -1.61
CA THR C 165 -4.00 -27.93 -1.94
C THR C 165 -4.89 -27.91 -0.70
N GLU C 166 -5.93 -27.07 -0.77
CA GLU C 166 -6.99 -27.16 0.22
C GLU C 166 -7.71 -28.49 0.07
N GLN C 167 -8.34 -28.94 1.16
CA GLN C 167 -9.05 -30.20 1.15
C GLN C 167 -10.18 -30.15 0.13
N ASP C 168 -10.20 -31.14 -0.77
CA ASP C 168 -11.17 -31.15 -1.86
C ASP C 168 -12.60 -31.17 -1.32
N SER C 169 -13.46 -30.38 -1.93
CA SER C 169 -14.86 -30.30 -1.50
C SER C 169 -15.68 -31.51 -1.92
N LYS C 170 -15.15 -32.38 -2.78
CA LYS C 170 -15.88 -33.55 -3.26
C LYS C 170 -15.45 -34.82 -2.54
N ASP C 171 -14.17 -35.19 -2.64
CA ASP C 171 -13.68 -36.42 -2.04
C ASP C 171 -12.86 -36.19 -0.77
N SER C 172 -12.72 -34.94 -0.33
CA SER C 172 -12.06 -34.61 0.94
C SER C 172 -10.63 -35.10 1.00
N THR C 173 -9.96 -35.21 -0.15
CA THR C 173 -8.57 -35.62 -0.19
C THR C 173 -7.66 -34.39 -0.34
N TYR C 174 -6.37 -34.62 -0.08
CA TYR C 174 -5.34 -33.62 -0.28
C TYR C 174 -4.42 -34.03 -1.42
N SER C 175 -3.78 -33.04 -2.03
CA SER C 175 -2.71 -33.28 -2.98
C SER C 175 -1.51 -32.43 -2.59
N LEU C 176 -0.31 -32.96 -2.82
CA LEU C 176 0.90 -32.29 -2.35
C LEU C 176 1.96 -32.36 -3.43
N SER C 177 2.63 -31.24 -3.67
CA SER C 177 3.79 -31.17 -4.54
C SER C 177 5.03 -30.90 -3.72
N SER C 178 6.11 -31.58 -4.04
CA SER C 178 7.41 -31.35 -3.43
C SER C 178 8.40 -31.10 -4.56
N THR C 179 8.93 -29.89 -4.62
CA THR C 179 9.81 -29.49 -5.71
C THR C 179 11.23 -29.38 -5.18
N LEU C 180 12.14 -30.16 -5.75
CA LEU C 180 13.56 -30.13 -5.40
C LEU C 180 14.30 -29.28 -6.43
N THR C 181 15.00 -28.27 -5.95
CA THR C 181 15.70 -27.32 -6.81
C THR C 181 17.20 -27.55 -6.74
N LEU C 182 17.82 -27.80 -7.90
CA LEU C 182 19.26 -27.94 -8.02
C LEU C 182 19.75 -27.08 -9.17
N SER C 183 21.03 -26.77 -9.15
CA SER C 183 21.65 -26.14 -10.31
C SER C 183 21.82 -27.16 -11.43
N LYS C 184 22.00 -26.65 -12.65
CA LYS C 184 22.22 -27.52 -13.79
C LYS C 184 23.46 -28.39 -13.60
N ALA C 185 24.56 -27.77 -13.14
CA ALA C 185 25.81 -28.51 -12.94
C ALA C 185 25.61 -29.63 -11.93
N ASP C 186 25.00 -29.33 -10.78
CA ASP C 186 24.81 -30.34 -9.75
C ASP C 186 23.89 -31.45 -10.23
N TYR C 187 22.87 -31.11 -11.02
CA TYR C 187 21.94 -32.12 -11.51
C TYR C 187 22.65 -33.11 -12.43
N GLU C 188 23.58 -32.63 -13.24
CA GLU C 188 24.31 -33.50 -14.15
C GLU C 188 25.37 -34.35 -13.44
N LYS C 189 25.78 -33.95 -12.24
CA LYS C 189 26.80 -34.70 -11.50
C LYS C 189 26.25 -36.00 -10.92
N HIS C 190 24.94 -36.21 -10.93
CA HIS C 190 24.34 -37.35 -10.24
C HIS C 190 23.33 -38.03 -11.16
N LYS C 191 22.90 -39.22 -10.75
CA LYS C 191 22.09 -40.07 -11.61
C LYS C 191 20.74 -40.45 -11.02
N VAL C 192 20.69 -40.86 -9.75
CA VAL C 192 19.49 -41.42 -9.17
C VAL C 192 18.79 -40.35 -8.32
N TYR C 193 17.57 -40.01 -8.71
CA TYR C 193 16.77 -38.99 -8.03
C TYR C 193 15.49 -39.65 -7.52
N ALA C 194 15.30 -39.64 -6.21
CA ALA C 194 14.23 -40.38 -5.57
C ALA C 194 13.51 -39.50 -4.56
N CYS C 195 12.19 -39.62 -4.52
CA CYS C 195 11.41 -39.05 -3.43
C CYS C 195 10.71 -40.19 -2.70
N GLU C 196 10.92 -40.26 -1.39
CA GLU C 196 10.35 -41.31 -0.56
C GLU C 196 9.18 -40.73 0.23
N VAL C 197 8.02 -41.38 0.11
CA VAL C 197 6.78 -40.89 0.71
C VAL C 197 6.40 -41.80 1.86
N THR C 198 6.12 -41.21 3.01
CA THR C 198 5.61 -41.92 4.17
C THR C 198 4.20 -41.44 4.45
N HIS C 199 3.27 -42.38 4.62
CA HIS C 199 1.87 -42.02 4.82
C HIS C 199 1.17 -43.17 5.54
N GLN C 200 0.16 -42.81 6.35
CA GLN C 200 -0.59 -43.80 7.10
C GLN C 200 -1.25 -44.82 6.18
N GLY C 201 -1.75 -44.38 5.03
CA GLY C 201 -2.38 -45.28 4.08
C GLY C 201 -1.42 -46.21 3.36
N LEU C 202 -0.12 -46.06 3.57
CA LEU C 202 0.90 -46.90 2.98
C LEU C 202 1.52 -47.76 4.07
N SER C 203 1.41 -49.09 3.92
CA SER C 203 1.99 -49.98 4.92
C SER C 203 3.50 -49.83 4.99
N SER C 204 4.14 -49.42 3.91
CA SER C 204 5.57 -49.20 3.83
C SER C 204 5.81 -47.96 2.98
N PRO C 205 6.89 -47.22 3.25
CA PRO C 205 7.19 -46.03 2.43
C PRO C 205 7.35 -46.38 0.96
N VAL C 206 6.80 -45.53 0.11
CA VAL C 206 6.88 -45.69 -1.34
C VAL C 206 7.96 -44.78 -1.88
N THR C 207 8.78 -45.30 -2.79
CA THR C 207 9.88 -44.56 -3.40
C THR C 207 9.70 -44.55 -4.90
N LYS C 208 9.52 -43.35 -5.47
CA LYS C 208 9.53 -43.14 -6.91
C LYS C 208 10.83 -42.48 -7.30
N SER C 209 11.51 -43.05 -8.30
CA SER C 209 12.81 -42.55 -8.69
C SER C 209 13.01 -42.74 -10.19
N PHE C 210 13.97 -42.00 -10.73
CA PHE C 210 14.41 -42.17 -12.11
C PHE C 210 15.92 -41.99 -12.17
N ASN C 211 16.51 -42.51 -13.25
CA ASN C 211 17.92 -42.32 -13.54
C ASN C 211 18.05 -41.23 -14.61
N ARG C 212 18.84 -40.19 -14.31
CA ARG C 212 18.98 -39.08 -15.24
C ARG C 212 19.48 -39.58 -16.61
N GLY C 213 20.35 -40.59 -16.60
CA GLY C 213 20.87 -41.10 -17.87
C GLY C 213 19.80 -41.71 -18.76
N GLU C 214 18.81 -42.35 -18.16
CA GLU C 214 17.72 -42.96 -18.89
C GLU C 214 16.46 -42.10 -18.89
N CYS C 215 16.54 -40.88 -18.36
CA CYS C 215 15.35 -40.04 -18.23
C CYS C 215 15.70 -38.57 -18.48
N GLN D 1 -20.37 1.06 15.40
CA GLN D 1 -19.34 0.29 16.10
C GLN D 1 -17.95 0.60 15.54
N VAL D 2 -16.92 0.04 16.18
CA VAL D 2 -15.55 0.32 15.80
C VAL D 2 -15.19 -0.47 14.55
N GLN D 3 -14.40 0.15 13.68
CA GLN D 3 -13.92 -0.49 12.46
C GLN D 3 -12.48 -0.05 12.24
N LEU D 4 -11.59 -1.02 11.99
CA LEU D 4 -10.17 -0.76 11.81
C LEU D 4 -9.87 -0.75 10.32
N VAL D 5 -9.48 0.41 9.81
CA VAL D 5 -9.14 0.59 8.40
C VAL D 5 -7.62 0.63 8.28
N GLN D 6 -7.06 -0.25 7.46
CA GLN D 6 -5.62 -0.36 7.31
C GLN D 6 -5.19 0.05 5.90
N SER D 7 -3.93 0.47 5.80
CA SER D 7 -3.35 0.78 4.51
C SER D 7 -3.18 -0.49 3.67
N GLY D 8 -2.91 -0.30 2.38
CA GLY D 8 -2.93 -1.39 1.44
C GLY D 8 -1.62 -2.14 1.34
N ALA D 9 -1.66 -3.21 0.54
CA ALA D 9 -0.51 -4.09 0.38
C ALA D 9 0.69 -3.34 -0.18
N GLU D 10 1.88 -3.82 0.15
CA GLU D 10 3.11 -3.18 -0.27
C GLU D 10 4.17 -4.24 -0.54
N VAL D 11 5.10 -3.90 -1.44
CA VAL D 11 6.28 -4.71 -1.72
C VAL D 11 7.49 -3.93 -1.23
N ARG D 12 8.39 -4.61 -0.51
CA ARG D 12 9.56 -3.97 0.05
C ARG D 12 10.81 -4.81 -0.19
N LYS D 13 11.92 -4.15 -0.48
CA LYS D 13 13.19 -4.83 -0.67
C LYS D 13 13.72 -5.34 0.66
N PRO D 14 14.55 -6.38 0.64
CA PRO D 14 15.22 -6.80 1.88
C PRO D 14 16.13 -5.70 2.40
N GLY D 15 16.07 -5.47 3.70
CA GLY D 15 16.80 -4.40 4.34
C GLY D 15 16.05 -3.09 4.46
N SER D 16 15.01 -2.88 3.66
CA SER D 16 14.28 -1.62 3.69
C SER D 16 13.33 -1.62 4.90
N SER D 17 12.46 -0.61 4.97
CA SER D 17 11.49 -0.49 6.04
C SER D 17 10.10 -0.31 5.44
N VAL D 18 9.09 -0.67 6.24
CA VAL D 18 7.69 -0.54 5.83
C VAL D 18 6.92 0.12 6.96
N THR D 19 5.97 0.99 6.58
CA THR D 19 5.09 1.65 7.54
C THR D 19 3.65 1.35 7.17
N ILE D 20 2.90 0.78 8.11
CA ILE D 20 1.50 0.42 7.91
C ILE D 20 0.66 1.28 8.86
N SER D 21 -0.43 1.85 8.33
CA SER D 21 -1.32 2.69 9.12
C SER D 21 -2.59 1.93 9.48
N CYS D 22 -3.20 2.34 10.59
CA CYS D 22 -4.46 1.77 11.04
C CYS D 22 -5.28 2.86 11.68
N LYS D 23 -6.50 3.07 11.19
CA LYS D 23 -7.38 4.13 11.69
C LYS D 23 -8.66 3.53 12.24
N PRO D 24 -8.91 3.61 13.55
CA PRO D 24 -10.19 3.14 14.11
C PRO D 24 -11.31 4.13 13.78
N VAL D 25 -12.27 3.67 12.98
CA VAL D 25 -13.40 4.48 12.55
C VAL D 25 -14.58 4.19 13.46
N GLY D 26 -15.12 5.22 14.10
CA GLY D 26 -16.28 5.08 14.95
C GLY D 26 -15.98 4.52 16.32
N GLY D 27 -15.20 5.25 17.11
CA GLY D 27 -14.88 4.80 18.45
C GLY D 27 -13.80 5.67 19.06
N THR D 28 -13.47 5.34 20.31
CA THR D 28 -12.42 6.05 21.02
C THR D 28 -11.06 5.72 20.43
N PHE D 29 -10.07 6.54 20.80
CA PHE D 29 -8.72 6.43 20.25
C PHE D 29 -7.64 6.27 21.30
N THR D 30 -7.87 6.70 22.55
CA THR D 30 -6.84 6.70 23.58
C THR D 30 -7.17 5.79 24.75
N ASN D 31 -8.09 4.85 24.58
CA ASN D 31 -8.54 4.00 25.67
C ASN D 31 -7.99 2.58 25.58
N PHE D 32 -8.25 1.87 24.48
CA PHE D 32 -7.87 0.47 24.35
C PHE D 32 -6.63 0.33 23.48
N ALA D 33 -5.76 -0.61 23.85
CA ALA D 33 -4.51 -0.79 23.13
C ALA D 33 -4.75 -1.37 21.75
N ILE D 34 -3.98 -0.89 20.78
CA ILE D 34 -3.97 -1.47 19.44
C ILE D 34 -2.87 -2.54 19.41
N HIS D 35 -3.28 -3.79 19.27
CA HIS D 35 -2.35 -4.91 19.22
C HIS D 35 -2.21 -5.41 17.78
N TRP D 36 -0.97 -5.47 17.30
CA TRP D 36 -0.67 -5.91 15.96
C TRP D 36 -0.32 -7.39 15.95
N VAL D 37 -0.92 -8.13 15.02
CA VAL D 37 -0.70 -9.56 14.87
C VAL D 37 -0.43 -9.85 13.39
N ARG D 38 0.63 -10.61 13.11
CA ARG D 38 0.97 -10.94 11.74
C ARG D 38 0.87 -12.44 11.53
N GLN D 39 0.83 -12.84 10.26
CA GLN D 39 0.71 -14.25 9.89
C GLN D 39 1.57 -14.49 8.66
N ALA D 40 2.71 -15.17 8.85
CA ALA D 40 3.56 -15.54 7.74
C ALA D 40 2.89 -16.65 6.93
N PRO D 41 3.16 -16.72 5.61
CA PRO D 41 2.47 -17.70 4.76
C PRO D 41 2.64 -19.13 5.23
N GLY D 42 1.57 -19.71 5.79
CA GLY D 42 1.62 -21.06 6.31
C GLY D 42 1.76 -21.14 7.81
N GLN D 43 2.58 -20.28 8.38
CA GLN D 43 2.84 -20.30 9.82
C GLN D 43 1.61 -19.80 10.59
N GLY D 44 1.71 -19.85 11.92
CA GLY D 44 0.63 -19.43 12.78
C GLY D 44 0.63 -17.92 13.04
N LEU D 45 -0.33 -17.49 13.84
CA LEU D 45 -0.42 -16.09 14.21
C LEU D 45 0.75 -15.71 15.12
N GLU D 46 1.26 -14.49 14.94
CA GLU D 46 2.39 -14.03 15.73
C GLU D 46 2.13 -12.60 16.20
N TRP D 47 2.18 -12.41 17.51
CA TRP D 47 2.01 -11.08 18.10
C TRP D 47 3.25 -10.24 17.87
N VAL D 48 3.05 -9.05 17.32
CA VAL D 48 4.16 -8.14 16.99
C VAL D 48 4.39 -7.12 18.10
N GLY D 49 3.32 -6.52 18.59
CA GLY D 49 3.42 -5.50 19.63
C GLY D 49 2.10 -4.81 19.82
N GLY D 50 2.01 -4.08 20.93
CA GLY D 50 0.80 -3.34 21.26
C GLY D 50 1.14 -1.98 21.84
N ARG D 51 0.17 -1.06 21.72
CA ARG D 51 0.38 0.30 22.20
C ARG D 51 -0.96 0.98 22.41
N VAL D 52 -1.12 1.61 23.57
CA VAL D 52 -2.26 2.49 23.81
C VAL D 52 -1.90 3.86 23.23
N PRO D 53 -2.64 4.35 22.24
CA PRO D 53 -2.28 5.63 21.62
C PRO D 53 -2.35 6.78 22.63
N VAL D 54 -1.43 7.73 22.44
CA VAL D 54 -1.34 8.96 23.24
C VAL D 54 -0.90 8.66 24.67
N VAL D 55 -1.55 7.69 25.31
CA VAL D 55 -1.19 7.35 26.70
C VAL D 55 0.25 6.91 26.79
N GLY D 56 0.71 6.08 25.85
CA GLY D 56 2.10 5.67 25.81
C GLY D 56 2.40 4.31 26.39
N ILE D 57 1.39 3.57 26.85
CA ILE D 57 1.59 2.22 27.33
C ILE D 57 1.78 1.30 26.13
N TYR D 58 2.96 0.70 26.01
CA TYR D 58 3.27 -0.11 24.85
C TYR D 58 4.30 -1.18 25.23
N LYS D 59 4.48 -2.14 24.33
CA LYS D 59 5.52 -3.16 24.45
C LYS D 59 5.69 -3.89 23.13
N TYR D 60 6.93 -4.01 22.67
CA TYR D 60 7.23 -4.69 21.42
C TYR D 60 7.56 -6.15 21.68
N GLY D 61 7.26 -7.00 20.69
CA GLY D 61 7.69 -8.38 20.77
C GLY D 61 9.20 -8.48 20.83
N LYS D 62 9.69 -9.49 21.55
CA LYS D 62 11.13 -9.61 21.77
C LYS D 62 11.89 -9.72 20.45
N LYS D 63 11.35 -10.48 19.49
CA LYS D 63 11.99 -10.59 18.18
C LYS D 63 12.08 -9.24 17.49
N PHE D 64 11.16 -8.33 17.76
CA PHE D 64 11.10 -7.03 17.10
C PHE D 64 11.54 -5.90 18.03
N HIS D 65 12.38 -6.22 19.02
CA HIS D 65 12.72 -5.23 20.04
C HIS D 65 13.47 -4.05 19.44
N ASP D 66 14.35 -4.30 18.48
CA ASP D 66 15.21 -3.26 17.91
C ASP D 66 14.79 -2.85 16.50
N ARG D 67 13.75 -3.46 15.92
CA ARG D 67 13.33 -3.16 14.57
C ARG D 67 11.94 -2.55 14.48
N LEU D 68 11.21 -2.46 15.58
CA LEU D 68 9.82 -2.04 15.58
C LEU D 68 9.69 -0.64 16.17
N ARG D 69 8.73 0.11 15.62
CA ARG D 69 8.37 1.42 16.15
C ARG D 69 6.86 1.57 16.01
N LEU D 70 6.16 1.62 17.14
CA LEU D 70 4.72 1.84 17.18
C LEU D 70 4.46 3.26 17.64
N TYR D 71 3.75 4.03 16.84
CA TYR D 71 3.43 5.41 17.16
C TYR D 71 2.08 5.75 16.54
N GLU D 72 1.68 7.01 16.66
CA GLU D 72 0.39 7.43 16.14
C GLU D 72 0.44 8.92 15.82
N ASP D 73 -0.56 9.39 15.08
CA ASP D 73 -0.75 10.79 14.77
C ASP D 73 -2.11 11.19 15.34
N ASP D 74 -2.10 11.79 16.53
CA ASP D 74 -3.35 12.10 17.23
C ASP D 74 -4.27 13.03 16.45
N PRO D 75 -3.81 14.11 15.79
CA PRO D 75 -4.75 14.97 15.06
C PRO D 75 -5.61 14.24 14.05
N MET D 76 -5.04 13.28 13.31
CA MET D 76 -5.80 12.52 12.32
C MET D 76 -6.21 11.14 12.82
N LYS D 77 -6.02 10.86 14.11
CA LYS D 77 -6.53 9.64 14.76
C LYS D 77 -6.09 8.38 14.01
N THR D 78 -4.78 8.26 13.81
CA THR D 78 -4.21 7.16 13.06
C THR D 78 -3.01 6.62 13.80
N VAL D 79 -2.93 5.29 13.94
CA VAL D 79 -1.77 4.64 14.51
C VAL D 79 -0.94 4.05 13.37
N PHE D 80 0.37 3.98 13.58
CA PHE D 80 1.30 3.51 12.57
C PHE D 80 2.18 2.40 13.14
N LEU D 81 2.55 1.46 12.28
CA LEU D 81 3.52 0.43 12.62
C LEU D 81 4.67 0.54 11.63
N GLU D 82 5.89 0.70 12.15
CA GLU D 82 7.09 0.74 11.34
C GLU D 82 7.98 -0.45 11.68
N LEU D 83 8.39 -1.19 10.66
CA LEU D 83 9.28 -2.33 10.83
C LEU D 83 10.44 -2.17 9.86
N ARG D 84 11.65 -2.05 10.41
CA ARG D 84 12.85 -1.80 9.62
C ARG D 84 13.64 -3.09 9.43
N SER D 85 14.62 -3.02 8.52
CA SER D 85 15.54 -4.13 8.25
C SER D 85 14.77 -5.39 7.89
N LEU D 86 13.89 -5.27 6.90
CA LEU D 86 13.00 -6.37 6.54
C LEU D 86 13.77 -7.52 5.92
N THR D 87 13.39 -8.74 6.29
CA THR D 87 13.87 -9.97 5.65
C THR D 87 12.65 -10.77 5.19
N SER D 88 12.92 -11.93 4.60
CA SER D 88 11.84 -12.81 4.17
C SER D 88 11.03 -13.36 5.34
N ASP D 89 11.59 -13.32 6.56
CA ASP D 89 10.82 -13.71 7.73
C ASP D 89 9.64 -12.77 7.99
N ASP D 90 9.70 -11.55 7.47
CA ASP D 90 8.69 -10.54 7.72
C ASP D 90 7.56 -10.54 6.69
N THR D 91 7.69 -11.32 5.62
CA THR D 91 6.61 -11.46 4.65
C THR D 91 5.37 -12.04 5.33
N GLY D 92 4.22 -11.43 5.08
CA GLY D 92 2.98 -11.92 5.64
C GLY D 92 1.93 -10.82 5.66
N VAL D 93 0.80 -11.16 6.28
CA VAL D 93 -0.31 -10.23 6.48
C VAL D 93 -0.22 -9.68 7.89
N TYR D 94 -0.32 -8.37 8.02
CA TYR D 94 -0.22 -7.69 9.32
C TYR D 94 -1.60 -7.16 9.70
N TYR D 95 -2.14 -7.67 10.81
CA TYR D 95 -3.47 -7.31 11.26
C TYR D 95 -3.40 -6.25 12.36
N CYS D 96 -4.29 -5.26 12.24
CA CYS D 96 -4.57 -4.32 13.32
C CYS D 96 -5.72 -4.88 14.15
N THR D 97 -5.54 -4.95 15.46
CA THR D 97 -6.55 -5.56 16.32
C THR D 97 -6.83 -4.69 17.54
N ARG D 98 -7.95 -4.97 18.20
CA ARG D 98 -8.40 -4.17 19.33
C ARG D 98 -9.50 -4.91 20.06
N TRP D 99 -9.65 -4.61 21.34
CA TRP D 99 -10.78 -5.08 22.12
C TRP D 99 -11.91 -4.05 22.05
N ARG D 100 -13.14 -4.54 21.94
CA ARG D 100 -14.32 -3.69 21.85
C ARG D 100 -14.99 -3.63 23.21
N GLY D 101 -14.96 -2.45 23.84
CA GLY D 101 -15.57 -2.25 25.13
C GLY D 101 -16.15 -0.85 25.24
N ALA D 102 -16.70 -0.55 26.42
CA ALA D 102 -17.30 0.75 26.70
C ALA D 102 -16.52 1.44 27.80
N GLY D 103 -16.17 2.70 27.57
CA GLY D 103 -15.42 3.47 28.54
C GLY D 103 -15.76 4.95 28.54
N SER D 110 -10.43 4.78 31.96
CA SER D 110 -9.17 4.03 32.22
C SER D 110 -8.48 3.57 30.92
N SER D 111 -7.24 3.07 31.01
CA SER D 111 -6.54 2.59 29.80
C SER D 111 -6.31 1.09 29.96
N TYR D 112 -6.66 0.27 28.96
CA TYR D 112 -6.55 -1.19 29.12
C TYR D 112 -5.61 -1.83 28.10
N TYR D 113 -4.76 -2.72 28.59
CA TYR D 113 -3.80 -3.30 27.69
C TYR D 113 -3.95 -4.81 27.52
N ASN D 114 -4.35 -5.52 28.56
CA ASN D 114 -4.42 -6.99 28.54
C ASN D 114 -5.84 -7.40 28.18
N ASP D 115 -6.09 -7.60 26.89
CA ASP D 115 -7.40 -8.00 26.39
C ASP D 115 -7.23 -8.86 25.15
N ALA D 116 -8.17 -9.78 24.96
CA ALA D 116 -8.28 -10.44 23.68
C ALA D 116 -8.72 -9.44 22.62
N SER D 117 -8.68 -9.87 21.37
CA SER D 117 -8.98 -8.99 20.24
C SER D 117 -10.20 -9.53 19.51
N ASP D 118 -11.34 -8.84 19.67
CA ASP D 118 -12.53 -9.16 18.92
C ASP D 118 -12.72 -8.27 17.70
N VAL D 119 -11.97 -7.18 17.58
CA VAL D 119 -12.01 -6.30 16.42
C VAL D 119 -10.73 -6.48 15.64
N TRP D 120 -10.85 -6.92 14.39
CA TRP D 120 -9.70 -7.16 13.53
C TRP D 120 -9.83 -6.32 12.26
N GLY D 121 -8.75 -5.65 11.89
CA GLY D 121 -8.67 -4.99 10.61
C GLY D 121 -8.58 -6.01 9.50
N PRO D 122 -8.78 -5.58 8.25
CA PRO D 122 -8.72 -6.52 7.13
C PRO D 122 -7.33 -7.13 6.91
N GLY D 123 -6.30 -6.58 7.53
CA GLY D 123 -4.96 -7.07 7.29
C GLY D 123 -4.28 -6.33 6.16
N THR D 124 -2.95 -6.25 6.26
CA THR D 124 -2.12 -5.58 5.26
C THR D 124 -1.02 -6.54 4.82
N LYS D 125 -1.08 -6.95 3.55
CA LYS D 125 -0.10 -7.88 3.01
C LYS D 125 1.23 -7.16 2.77
N VAL D 126 2.31 -7.72 3.30
CA VAL D 126 3.66 -7.20 3.10
C VAL D 126 4.48 -8.30 2.43
N ILE D 127 5.06 -7.99 1.27
CA ILE D 127 5.87 -8.94 0.51
C ILE D 127 7.29 -8.40 0.47
N VAL D 128 8.21 -9.11 1.12
CA VAL D 128 9.62 -8.72 1.13
C VAL D 128 10.31 -9.45 -0.03
N SER D 129 10.65 -8.69 -1.08
CA SER D 129 11.26 -9.26 -2.26
C SER D 129 11.94 -8.15 -3.06
N ALA D 130 13.15 -8.43 -3.54
CA ALA D 130 13.90 -7.47 -4.35
C ALA D 130 13.64 -7.65 -5.85
N ALA D 131 12.54 -8.28 -6.22
CA ALA D 131 12.27 -8.61 -7.61
C ALA D 131 11.31 -7.61 -8.24
N SER D 132 11.47 -7.41 -9.54
CA SER D 132 10.58 -6.57 -10.32
C SER D 132 9.52 -7.43 -11.00
N THR D 133 8.58 -6.77 -11.67
CA THR D 133 7.53 -7.48 -12.38
C THR D 133 8.14 -8.36 -13.47
N LYS D 134 7.75 -9.63 -13.48
CA LYS D 134 8.37 -10.60 -14.37
C LYS D 134 7.37 -11.69 -14.70
N GLY D 135 7.21 -11.97 -16.01
CA GLY D 135 6.39 -13.06 -16.45
C GLY D 135 7.04 -14.39 -16.16
N PRO D 136 6.25 -15.45 -16.11
CA PRO D 136 6.79 -16.77 -15.76
C PRO D 136 7.31 -17.53 -16.96
N SER D 137 8.28 -18.40 -16.68
CA SER D 137 8.66 -19.45 -17.62
C SER D 137 7.81 -20.68 -17.32
N VAL D 138 7.29 -21.31 -18.37
CA VAL D 138 6.37 -22.43 -18.23
C VAL D 138 7.08 -23.67 -18.73
N PHE D 139 7.40 -24.59 -17.82
CA PHE D 139 8.08 -25.81 -18.17
C PHE D 139 7.13 -27.01 -18.04
N PRO D 140 7.28 -28.01 -18.91
CA PRO D 140 6.36 -29.15 -18.86
C PRO D 140 6.74 -30.12 -17.76
N LEU D 141 5.72 -30.73 -17.16
CA LEU D 141 5.87 -31.91 -16.31
C LEU D 141 5.41 -33.08 -17.17
N ALA D 142 6.34 -33.66 -17.90
CA ALA D 142 5.99 -34.60 -18.97
C ALA D 142 5.52 -35.93 -18.39
N PRO D 143 4.44 -36.49 -18.92
CA PRO D 143 4.00 -37.83 -18.47
C PRO D 143 4.97 -38.89 -18.96
N SER D 144 5.18 -39.91 -18.12
CA SER D 144 6.08 -41.00 -18.45
C SER D 144 5.67 -42.22 -17.63
N SER D 145 6.46 -43.29 -17.72
CA SER D 145 6.22 -44.45 -16.88
C SER D 145 6.39 -44.10 -15.40
N LYS D 146 7.17 -43.08 -15.09
CA LYS D 146 7.36 -42.64 -13.71
C LYS D 146 6.22 -41.77 -13.21
N SER D 147 5.27 -41.41 -14.06
CA SER D 147 4.07 -40.69 -13.65
C SER D 147 2.80 -41.38 -14.15
N THR D 148 2.89 -42.67 -14.47
CA THR D 148 1.75 -43.46 -14.94
C THR D 148 1.53 -44.61 -13.97
N SER D 149 0.31 -44.72 -13.44
CA SER D 149 -0.02 -45.70 -12.41
C SER D 149 -1.17 -46.58 -12.90
N GLY D 150 -0.87 -47.47 -13.84
CA GLY D 150 -1.83 -48.44 -14.32
C GLY D 150 -3.16 -47.88 -14.81
N GLY D 151 -3.13 -47.18 -15.95
CA GLY D 151 -4.31 -46.60 -16.56
C GLY D 151 -4.44 -45.11 -16.37
N THR D 152 -3.85 -44.56 -15.31
CA THR D 152 -3.90 -43.12 -15.04
C THR D 152 -2.50 -42.55 -15.13
N ALA D 153 -2.32 -41.55 -16.00
CA ALA D 153 -1.06 -40.85 -16.13
C ALA D 153 -1.19 -39.43 -15.59
N ALA D 154 -0.16 -38.98 -14.87
CA ALA D 154 -0.12 -37.64 -14.35
C ALA D 154 0.81 -36.79 -15.20
N LEU D 155 0.39 -35.56 -15.48
CA LEU D 155 1.18 -34.59 -16.22
C LEU D 155 0.85 -33.21 -15.69
N GLY D 156 1.64 -32.22 -16.08
CA GLY D 156 1.40 -30.88 -15.57
C GLY D 156 2.33 -29.86 -16.19
N CYS D 157 2.32 -28.67 -15.57
CA CYS D 157 3.17 -27.56 -15.99
C CYS D 157 3.80 -26.92 -14.76
N LEU D 158 5.07 -26.57 -14.87
CA LEU D 158 5.79 -25.84 -13.84
C LEU D 158 5.82 -24.37 -14.24
N VAL D 159 5.17 -23.53 -13.44
CA VAL D 159 5.09 -22.09 -13.68
C VAL D 159 6.06 -21.43 -12.71
N LYS D 160 7.25 -21.09 -13.18
CA LYS D 160 8.36 -20.74 -12.32
C LYS D 160 8.85 -19.32 -12.59
N ASP D 161 9.26 -18.65 -11.50
CA ASP D 161 10.00 -17.39 -11.56
C ASP D 161 9.15 -16.25 -12.12
N TYR D 162 8.05 -15.96 -11.43
CA TYR D 162 7.21 -14.82 -11.76
C TYR D 162 6.97 -13.97 -10.54
N PHE D 163 6.62 -12.71 -10.79
CA PHE D 163 6.35 -11.75 -9.71
C PHE D 163 5.57 -10.60 -10.33
N PRO D 164 4.52 -10.11 -9.67
CA PRO D 164 3.99 -10.67 -8.41
C PRO D 164 2.92 -11.71 -8.66
N GLU D 165 2.24 -12.13 -7.60
CA GLU D 165 1.06 -12.96 -7.76
C GLU D 165 -0.08 -12.14 -8.36
N PRO D 166 -1.08 -12.80 -8.96
CA PRO D 166 -1.22 -14.24 -9.18
C PRO D 166 -1.04 -14.67 -10.64
N VAL D 167 -0.99 -15.99 -10.85
CA VAL D 167 -1.13 -16.58 -12.17
C VAL D 167 -2.36 -17.49 -12.14
N THR D 168 -2.98 -17.66 -13.30
CA THR D 168 -4.06 -18.61 -13.47
C THR D 168 -3.65 -19.65 -14.50
N VAL D 169 -4.08 -20.89 -14.28
CA VAL D 169 -3.73 -22.00 -15.16
C VAL D 169 -5.00 -22.78 -15.46
N SER D 170 -5.32 -22.91 -16.74
CA SER D 170 -6.40 -23.79 -17.20
C SER D 170 -5.82 -24.80 -18.16
N TRP D 171 -6.59 -25.85 -18.43
CA TRP D 171 -6.16 -26.95 -19.27
C TRP D 171 -7.06 -27.06 -20.48
N ASN D 172 -6.46 -26.99 -21.66
CA ASN D 172 -7.18 -27.08 -22.94
C ASN D 172 -8.27 -26.02 -23.03
N SER D 173 -7.89 -24.78 -22.72
CA SER D 173 -8.79 -23.62 -22.80
C SER D 173 -10.04 -23.83 -21.94
N GLY D 174 -9.86 -24.50 -20.80
CA GLY D 174 -10.95 -24.76 -19.89
C GLY D 174 -11.76 -26.01 -20.17
N ALA D 175 -11.42 -26.76 -21.21
CA ALA D 175 -12.18 -27.97 -21.51
C ALA D 175 -11.84 -29.11 -20.55
N LEU D 176 -10.63 -29.10 -19.99
CA LEU D 176 -10.20 -30.11 -19.03
C LEU D 176 -10.19 -29.49 -17.64
N THR D 177 -11.06 -29.99 -16.76
CA THR D 177 -11.18 -29.45 -15.41
C THR D 177 -11.12 -30.57 -14.37
N SER D 178 -11.56 -31.77 -14.74
CA SER D 178 -11.55 -32.89 -13.82
C SER D 178 -10.13 -33.36 -13.54
N GLY D 179 -9.84 -33.62 -12.27
CA GLY D 179 -8.52 -34.08 -11.88
C GLY D 179 -7.44 -33.03 -11.93
N VAL D 180 -7.80 -31.76 -12.06
CA VAL D 180 -6.83 -30.66 -12.11
C VAL D 180 -6.53 -30.21 -10.69
N HIS D 181 -5.24 -30.06 -10.38
CA HIS D 181 -4.79 -29.55 -9.10
C HIS D 181 -3.72 -28.50 -9.35
N THR D 182 -4.06 -27.23 -9.09
CA THR D 182 -3.13 -26.12 -9.22
C THR D 182 -2.71 -25.72 -7.81
N PHE D 183 -1.47 -26.02 -7.46
CA PHE D 183 -1.02 -25.81 -6.09
C PHE D 183 -0.81 -24.33 -5.81
N PRO D 184 -0.91 -23.92 -4.54
CA PRO D 184 -0.63 -22.54 -4.18
C PRO D 184 0.81 -22.17 -4.51
N ALA D 185 1.02 -20.92 -4.90
CA ALA D 185 2.35 -20.45 -5.22
C ALA D 185 3.20 -20.34 -3.96
N VAL D 186 4.50 -20.58 -4.12
CA VAL D 186 5.48 -20.41 -3.06
C VAL D 186 6.50 -19.37 -3.49
N LEU D 187 6.87 -18.50 -2.56
CA LEU D 187 7.87 -17.47 -2.82
C LEU D 187 9.25 -18.07 -2.59
N GLN D 188 10.00 -18.25 -3.67
CA GLN D 188 11.31 -18.88 -3.60
C GLN D 188 12.33 -17.93 -2.95
N SER D 189 13.51 -18.48 -2.67
CA SER D 189 14.56 -17.70 -2.02
C SER D 189 15.02 -16.52 -2.87
N SER D 190 14.76 -16.55 -4.17
CA SER D 190 15.10 -15.44 -5.06
C SER D 190 14.10 -14.29 -4.99
N GLY D 191 12.97 -14.47 -4.31
CA GLY D 191 11.92 -13.48 -4.32
C GLY D 191 10.94 -13.61 -5.46
N LEU D 192 11.05 -14.67 -6.25
CA LEU D 192 10.14 -14.96 -7.34
C LEU D 192 9.23 -16.11 -6.96
N TYR D 193 8.00 -16.08 -7.47
CA TYR D 193 7.03 -17.13 -7.14
C TYR D 193 7.21 -18.33 -8.07
N SER D 194 6.66 -19.46 -7.64
CA SER D 194 6.69 -20.67 -8.43
C SER D 194 5.54 -21.56 -8.00
N LEU D 195 4.93 -22.25 -8.98
CA LEU D 195 3.90 -23.23 -8.69
C LEU D 195 3.85 -24.23 -9.83
N SER D 196 3.18 -25.35 -9.57
CA SER D 196 2.91 -26.33 -10.60
C SER D 196 1.42 -26.66 -10.60
N SER D 197 0.87 -26.82 -11.80
CA SER D 197 -0.49 -27.30 -11.99
C SER D 197 -0.41 -28.68 -12.64
N VAL D 198 -1.11 -29.65 -12.06
CA VAL D 198 -1.05 -31.03 -12.52
C VAL D 198 -2.45 -31.51 -12.82
N VAL D 199 -2.51 -32.62 -13.58
CA VAL D 199 -3.78 -33.24 -13.92
C VAL D 199 -3.52 -34.72 -14.18
N THR D 200 -4.47 -35.56 -13.77
CA THR D 200 -4.42 -36.98 -14.06
C THR D 200 -5.38 -37.29 -15.20
N VAL D 201 -4.93 -38.10 -16.15
CA VAL D 201 -5.69 -38.42 -17.34
C VAL D 201 -5.56 -39.91 -17.63
N PRO D 202 -6.45 -40.46 -18.46
CA PRO D 202 -6.28 -41.85 -18.90
C PRO D 202 -4.95 -42.05 -19.60
N SER D 203 -4.24 -43.10 -19.19
CA SER D 203 -2.95 -43.40 -19.80
C SER D 203 -3.06 -43.72 -21.28
N SER D 204 -4.23 -44.18 -21.74
CA SER D 204 -4.41 -44.52 -23.15
C SER D 204 -4.57 -43.29 -24.02
N SER D 205 -4.92 -42.14 -23.45
CA SER D 205 -5.16 -40.93 -24.22
C SER D 205 -3.89 -40.12 -24.47
N LEU D 206 -2.74 -40.58 -23.94
CA LEU D 206 -1.51 -39.81 -24.08
C LEU D 206 -1.10 -39.66 -25.55
N GLY D 207 -1.34 -40.70 -26.35
CA GLY D 207 -1.03 -40.64 -27.77
C GLY D 207 -2.10 -40.04 -28.64
N THR D 208 -3.28 -39.77 -28.08
CA THR D 208 -4.42 -39.27 -28.83
C THR D 208 -4.76 -37.83 -28.49
N GLN D 209 -4.94 -37.52 -27.21
CA GLN D 209 -5.40 -36.21 -26.78
C GLN D 209 -4.24 -35.25 -26.59
N THR D 210 -4.43 -34.01 -26.99
CA THR D 210 -3.47 -32.94 -26.77
C THR D 210 -3.77 -32.24 -25.44
N TYR D 211 -2.73 -32.00 -24.65
CA TYR D 211 -2.85 -31.35 -23.35
C TYR D 211 -2.00 -30.09 -23.34
N ILE D 212 -2.66 -28.95 -23.17
CA ILE D 212 -2.01 -27.64 -23.24
C ILE D 212 -2.31 -26.88 -21.96
N CYS D 213 -1.28 -26.26 -21.38
CA CYS D 213 -1.42 -25.39 -20.22
C CYS D 213 -1.65 -23.96 -20.67
N ASN D 214 -2.73 -23.35 -20.21
CA ASN D 214 -3.01 -21.94 -20.48
C ASN D 214 -2.64 -21.15 -19.24
N VAL D 215 -1.49 -20.49 -19.29
CA VAL D 215 -0.96 -19.71 -18.18
C VAL D 215 -1.16 -18.23 -18.51
N ASN D 216 -1.74 -17.48 -17.57
CA ASN D 216 -1.97 -16.06 -17.74
C ASN D 216 -1.45 -15.33 -16.51
N HIS D 217 -0.46 -14.47 -16.72
CA HIS D 217 0.10 -13.63 -15.66
C HIS D 217 -0.28 -12.18 -15.99
N LYS D 218 -1.48 -11.80 -15.57
CA LYS D 218 -1.98 -10.45 -15.85
C LYS D 218 -1.07 -9.33 -15.35
N PRO D 219 -0.41 -9.42 -14.20
CA PRO D 219 0.51 -8.33 -13.79
C PRO D 219 1.53 -7.94 -14.84
N SER D 220 2.18 -8.92 -15.48
CA SER D 220 3.14 -8.65 -16.54
C SER D 220 2.52 -8.78 -17.93
N ASN D 221 1.20 -9.00 -18.02
CA ASN D 221 0.50 -9.18 -19.28
C ASN D 221 1.11 -10.31 -20.12
N THR D 222 1.61 -11.34 -19.45
CA THR D 222 2.24 -12.47 -20.11
C THR D 222 1.28 -13.64 -20.16
N LYS D 223 1.09 -14.20 -21.36
CA LYS D 223 0.26 -15.39 -21.55
C LYS D 223 1.05 -16.41 -22.34
N VAL D 224 0.96 -17.67 -21.91
CA VAL D 224 1.72 -18.77 -22.52
C VAL D 224 0.80 -19.97 -22.65
N ASP D 225 0.74 -20.55 -23.86
CA ASP D 225 0.08 -21.82 -24.11
C ASP D 225 1.17 -22.86 -24.32
N LYS D 226 1.37 -23.71 -23.32
CA LYS D 226 2.43 -24.72 -23.34
C LYS D 226 1.82 -26.10 -23.53
N LYS D 227 2.20 -26.78 -24.60
CA LYS D 227 1.76 -28.14 -24.83
C LYS D 227 2.67 -29.10 -24.10
N VAL D 228 2.09 -30.04 -23.38
CA VAL D 228 2.83 -31.02 -22.59
C VAL D 228 2.82 -32.34 -23.35
N GLU D 229 3.99 -32.77 -23.80
CA GLU D 229 4.13 -34.00 -24.56
C GLU D 229 4.75 -35.09 -23.71
N PRO D 230 4.43 -36.36 -23.97
CA PRO D 230 5.05 -37.45 -23.23
C PRO D 230 6.55 -37.48 -23.43
N LYS D 231 7.24 -38.13 -22.48
CA LYS D 231 8.69 -38.20 -22.47
C LYS D 231 9.11 -39.59 -22.00
N SER D 232 10.19 -40.10 -22.57
CA SER D 232 10.72 -41.41 -22.18
C SER D 232 11.51 -41.28 -20.90
N CYS D 233 11.14 -42.06 -19.89
CA CYS D 233 11.77 -41.96 -18.58
C CYS D 233 11.74 -43.30 -17.83
O1 PG4 E . -6.06 18.70 0.02
C1 PG4 E . -6.01 19.89 -0.71
C2 PG4 E . -6.97 20.91 -0.09
O2 PG4 E . -6.80 22.16 -0.71
C3 PG4 E . -5.81 22.96 -0.15
C4 PG4 E . -5.62 24.22 -0.98
O3 PG4 E . -5.30 23.86 -2.30
C5 PG4 E . -5.12 24.96 -3.17
C6 PG4 E . -5.13 24.48 -4.61
O4 PG4 E . -5.26 25.58 -5.46
C7 PG4 E . -6.16 25.39 -6.53
C8 PG4 E . -6.43 26.72 -7.21
O5 PG4 E . -6.92 26.51 -8.51
C4 PG4 F . -8.35 20.37 -7.24
O3 PG4 F . -7.77 20.29 -5.97
C5 PG4 F . -6.50 20.89 -5.88
C6 PG4 F . -5.89 20.58 -4.52
O4 PG4 F . -6.62 21.23 -3.52
C1 NAG G . -25.07 26.84 -26.56
C2 NAG G . -24.11 27.59 -27.47
C3 NAG G . -24.41 29.09 -27.43
C4 NAG G . -25.87 29.33 -27.78
C5 NAG G . -26.79 28.51 -26.88
C6 NAG G . -28.24 28.61 -27.26
C7 NAG G . -22.02 26.28 -27.49
C8 NAG G . -20.61 26.21 -27.01
N2 NAG G . -22.72 27.35 -27.08
O3 NAG G . -23.57 29.76 -28.36
O4 NAG G . -26.17 30.72 -27.61
O5 NAG G . -26.43 27.13 -26.95
O6 NAG G . -28.43 28.29 -28.63
O7 NAG G . -22.51 25.42 -28.21
O1 PG4 H . -16.64 0.02 -24.08
C1 PG4 H . -16.79 1.35 -24.49
C2 PG4 H . -17.29 2.18 -23.31
O2 PG4 H . -17.28 3.53 -23.63
C3 PG4 H . -18.07 4.32 -22.80
C4 PG4 H . -19.53 3.91 -22.96
O3 PG4 H . -20.36 4.89 -22.38
C5 PG4 H . -21.11 5.62 -23.30
C6 PG4 H . -21.42 6.99 -22.68
O4 PG4 H . -22.48 7.60 -23.36
C7 PG4 H . -23.33 8.33 -22.52
C8 PG4 H . -23.64 9.68 -23.14
O5 PG4 H . -24.20 10.53 -22.18
S SO4 I . -31.35 22.76 -2.83
O1 SO4 I . -31.51 24.18 -2.54
O2 SO4 I . -29.95 22.38 -2.68
O3 SO4 I . -32.16 21.98 -1.91
O4 SO4 I . -31.77 22.51 -4.20
S SO4 J . -31.88 25.33 6.98
O1 SO4 J . -32.92 25.98 7.78
O2 SO4 J . -31.46 26.24 5.91
O3 SO4 J . -30.73 25.03 7.83
O4 SO4 J . -32.40 24.10 6.40
S SO4 K . -31.18 26.11 -13.02
O1 SO4 K . -31.46 27.10 -11.99
O2 SO4 K . -30.22 26.66 -13.97
O3 SO4 K . -30.63 24.90 -12.40
O4 SO4 K . -32.42 25.78 -13.72
S SO4 L . -20.40 19.14 6.77
O1 SO4 L . -20.08 19.67 5.44
O2 SO4 L . -19.18 18.55 7.36
O3 SO4 L . -20.86 20.23 7.63
O4 SO4 L . -21.43 18.12 6.66
S SO4 M . -42.73 19.75 -13.10
O1 SO4 M . -42.26 21.00 -13.69
O2 SO4 M . -41.74 18.70 -13.32
O3 SO4 M . -42.92 19.94 -11.67
O4 SO4 M . -43.99 19.36 -13.72
S SO4 N . 8.09 29.80 -15.28
O1 SO4 N . 8.11 30.91 -16.22
O2 SO4 N . 8.05 28.54 -16.02
O3 SO4 N . 9.29 29.83 -14.46
O4 SO4 N . 6.91 29.89 -14.42
S SO4 O . 28.67 29.84 4.19
O1 SO4 O . 28.19 30.96 3.39
O2 SO4 O . 30.05 29.53 3.82
O3 SO4 O . 28.62 30.20 5.60
O4 SO4 O . 27.84 28.67 3.96
C ACT P . -32.47 19.13 12.91
O ACT P . -33.40 18.85 13.71
OXT ACT P . -32.19 20.23 12.37
CH3 ACT P . -31.54 17.93 12.49
O1 PG4 Q . 18.48 18.38 -14.48
C1 PG4 Q . 17.46 19.33 -14.65
C2 PG4 Q . 16.51 18.87 -15.76
O2 PG4 Q . 15.89 17.68 -15.38
C3 PG4 Q . 14.81 17.32 -16.21
C4 PG4 Q . 13.54 18.07 -15.78
O3 PG4 Q . 12.59 17.14 -15.36
C5 PG4 Q . 11.26 17.58 -15.42
C6 PG4 Q . 10.85 18.17 -14.07
O4 PG4 Q . 11.33 19.48 -13.97
C7 PG4 Q . 10.84 20.18 -12.87
C8 PG4 Q . 11.10 21.67 -13.07
O5 PG4 Q . 11.50 22.26 -11.86
O1 PG4 R . 14.35 11.64 -19.33
C1 PG4 R . 13.45 11.87 -18.29
C2 PG4 R . 14.19 12.46 -17.10
O2 PG4 R . 13.29 13.21 -16.33
C3 PG4 R . 13.85 13.77 -15.18
C4 PG4 R . 13.44 12.96 -13.95
O3 PG4 R . 12.08 13.13 -13.71
C5 PG4 R . 11.62 12.54 -12.52
C6 PG4 R . 11.87 13.48 -11.34
O4 PG4 R . 11.27 14.72 -11.58
C7 PG4 R . 10.47 15.18 -10.53
C8 PG4 R . 9.89 16.55 -10.88
O5 PG4 R . 8.62 16.68 -10.29
O1 PG4 S . -1.14 15.08 -1.34
C1 PG4 S . -2.50 14.86 -1.12
C2 PG4 S . -2.66 13.69 -0.14
O2 PG4 S . -3.93 13.73 0.45
C3 PG4 S . -4.78 12.64 0.18
C4 PG4 S . -4.01 11.40 -0.27
O3 PG4 S . -3.58 10.67 0.84
C5 PG4 S . -3.01 9.44 0.52
C6 PG4 S . -2.29 8.87 1.74
O1 PG4 T . 7.38 19.49 -8.71
C1 PG4 T . 7.06 18.44 -7.82
C2 PG4 T . 6.47 19.04 -6.55
O2 PG4 T . 6.20 18.02 -5.61
C3 PG4 T . 5.98 18.52 -4.32
C4 PG4 T . 4.96 17.64 -3.58
O3 PG4 T . 5.58 17.04 -2.48
C5 PG4 T . 5.22 15.71 -2.28
C6 PG4 T . 5.57 14.85 -3.50
O4 PG4 T . 4.44 14.63 -4.30
C7 PG4 T . 3.25 14.41 -3.59
C8 PG4 T . 2.30 13.56 -4.42
O5 PG4 T . 1.14 13.32 -3.68
S SO4 U . -23.66 -2.20 -4.67
O1 SO4 U . -23.91 -0.98 -5.43
O2 SO4 U . -22.40 -2.80 -5.10
O3 SO4 U . -23.58 -1.89 -3.25
O4 SO4 U . -24.75 -3.15 -4.89
S SO4 V . -10.54 6.27 -28.18
O1 SO4 V . -9.89 7.55 -27.90
O2 SO4 V . -9.90 5.63 -29.32
O3 SO4 V . -10.43 5.40 -27.02
O4 SO4 V . -11.95 6.50 -28.49
S SO4 W . -20.88 -9.69 -8.46
O1 SO4 W . -21.27 -9.07 -7.19
O2 SO4 W . -20.88 -8.68 -9.50
O3 SO4 W . -19.55 -10.27 -8.32
O4 SO4 W . -21.83 -10.74 -8.80
O4 PG4 X . -19.56 -29.19 26.58
C7 PG4 X . -20.80 -29.11 27.23
C8 PG4 X . -20.56 -29.04 28.74
O5 PG4 X . -21.80 -28.99 29.41
O1 PG4 Y . -8.32 -24.26 6.56
C1 PG4 Y . -7.17 -24.72 5.91
C2 PG4 Y . -5.98 -24.69 6.88
O2 PG4 Y . -4.86 -25.30 6.31
C3 PG4 Y . -3.65 -24.71 6.68
C4 PG4 Y . -3.38 -24.94 8.17
O3 PG4 Y . -2.68 -23.86 8.70
C5 PG4 Y . -1.51 -24.20 9.40
C6 PG4 Y . -1.84 -24.62 10.82
O4 PG4 Y . -1.58 -25.99 10.97
C7 PG4 Y . -1.07 -26.35 12.23
C8 PG4 Y . 0.46 -26.27 12.20
O5 PG4 Y . 0.97 -26.66 13.44
C4 PG4 Z . -0.64 -29.51 7.90
O3 PG4 Z . -1.06 -28.38 8.60
C5 PG4 Z . -2.30 -28.51 9.21
C6 PG4 Z . -3.41 -28.56 8.17
C1 NAG AA . 1.62 -25.99 38.06
C2 NAG AA . 2.98 -26.65 38.29
C3 NAG AA . 2.82 -28.16 38.35
C4 NAG AA . 1.78 -28.55 39.40
C5 NAG AA . 0.47 -27.79 39.16
C6 NAG AA . -0.53 -28.01 40.26
C7 NAG AA . 3.81 -26.53 35.97
C8 NAG AA . 4.93 -26.06 35.08
N2 NAG AA . 3.95 -26.27 37.26
O3 NAG AA . 4.08 -28.77 38.68
O4 NAG AA . 1.52 -29.94 39.35
O5 NAG AA . 0.72 -26.37 39.10
O6 NAG AA . 0.01 -27.69 41.53
O7 NAG AA . 2.83 -27.12 35.51
O1 PG4 BA . 19.02 -9.94 -0.20
C1 PG4 BA . 19.90 -10.01 0.87
C2 PG4 BA . 19.92 -8.68 1.62
O2 PG4 BA . 20.48 -8.87 2.89
C3 PG4 BA . 19.57 -9.34 3.85
C4 PG4 BA . 18.82 -8.18 4.48
O3 PG4 BA . 19.57 -7.65 5.52
C5 PG4 BA . 18.96 -6.58 6.18
C6 PG4 BA . 19.92 -6.00 7.23
O4 PG4 BA . 19.49 -4.71 7.59
C7 PG4 BA . 19.98 -3.70 6.76
C8 PG4 BA . 19.32 -2.38 7.14
O5 PG4 BA . 19.54 -2.12 8.50
O1 PG4 CA . 17.27 -13.47 6.09
C1 PG4 CA . 17.29 -13.95 4.77
C2 PG4 CA . 16.07 -13.44 4.02
O2 PG4 CA . 16.15 -12.04 3.86
C3 PG4 CA . 15.48 -11.56 2.74
C4 PG4 CA . 16.24 -11.93 1.47
O3 PG4 CA . 15.46 -12.78 0.69
C5 PG4 CA . 14.77 -12.13 -0.34
C6 PG4 CA . 13.28 -12.46 -0.24
O4 PG4 CA . 13.01 -13.64 -0.93
C7 PG4 CA . 11.82 -14.26 -0.55
C8 PG4 CA . 12.14 -15.56 0.20
O5 PG4 CA . 10.98 -16.03 0.82
C1 PG4 DA . 2.05 -14.48 -1.11
C2 PG4 DA . 2.90 -15.52 -0.39
O2 PG4 DA . 2.60 -16.81 -0.89
C3 PG4 DA . 3.23 -17.85 -0.20
C4 PG4 DA . 4.75 -17.64 -0.23
O3 PG4 DA . 5.40 -18.69 0.41
C5 PG4 DA . 6.70 -18.38 0.83
C6 PG4 DA . 7.35 -19.59 1.49
O4 PG4 DA . 8.73 -19.55 1.28
C7 PG4 DA . 9.45 -20.53 1.97
S SO4 EA . -10.24 10.20 21.83
O1 SO4 EA . -10.87 11.38 22.43
O2 SO4 EA . -8.93 10.59 21.28
O3 SO4 EA . -10.06 9.17 22.84
O4 SO4 EA . -11.08 9.69 20.75
S SO4 FA . -15.01 2.60 21.63
O1 SO4 FA . -15.51 3.79 22.31
O2 SO4 FA . -13.86 2.95 20.82
O3 SO4 FA . -14.61 1.61 22.64
O4 SO4 FA . -16.07 2.04 20.81
S SO4 GA . -5.88 -10.35 3.37
O1 SO4 GA . -5.43 -9.60 4.53
O2 SO4 GA . -5.02 -10.04 2.22
O3 SO4 GA . -5.82 -11.79 3.65
O4 SO4 GA . -7.25 -9.99 3.05
S SO4 HA . 14.75 -22.15 -3.72
O1 SO4 HA . 13.96 -21.33 -2.82
O2 SO4 HA . 16.04 -21.52 -3.97
O3 SO4 HA . 14.95 -23.47 -3.13
O4 SO4 HA . 14.03 -22.30 -4.99
C ACT IA . 19.26 -13.66 1.44
O ACT IA . 19.91 -13.21 2.42
OXT ACT IA . 18.90 -13.06 0.38
CH3 ACT IA . 18.83 -15.16 1.52
#